data_7RD5
#
_entry.id   7RD5
#
_cell.length_a   171.300
_cell.length_b   124.640
_cell.length_c   116.120
_cell.angle_alpha   90.000
_cell.angle_beta   98.171
_cell.angle_gamma   90.000
#
_symmetry.space_group_name_H-M   'C 1 2 1'
#
loop_
_entity.id
_entity.type
_entity.pdbx_description
1 polymer '1C12 Fab Light Chain'
2 polymer '1C12 Fab Heavy Chain'
3 polymer Tetraspanin-15
#
loop_
_entity_poly.entity_id
_entity_poly.type
_entity_poly.pdbx_seq_one_letter_code
_entity_poly.pdbx_strand_id
1 'polypeptide(L)'
;DIQMQQSPSSLSASLGDTITITCHASQNINAWLSWYQQKPGNIPKLLIYKASNLYTGVPSRFSGSGSGTRFTLTISSLQP
EDIATYYCQQGQSSPYTFGGGTKLEIKRADAAPTVSIFPPSSEQLTSGGASVVCFLNNFYPKDINVKWKIDGSERQNGVL
NSWTDQDSKDSTYSMSSTLTLTKDEYERHNSYTCEATHKTSTSPIVKSFNRNECLEVLFQ
;
A,C
2 'polypeptide(L)'
;QVHLQQSGPELVKPGASVKISCKASGYTFSDYYINWVRQRPGQGLEWIGWIFPGSGNTYYNKEFKVKATLTVDKSSSTAH
MFLSSLTSEDSAVYFCVRRYDYDGFAFWGLGTLVTVSAAKTTPPSVYPLAPGSAAQTNSMVTLGCLVKGYFPEPVTVTWN
SGSLSSGVHTFPAVLQSDLYTLSSSVTVPSSTWPSQTVTCNVAHPASSTKVDKKIVPRDCLEVLFQ
;
B,D
3 'polypeptide(L)'
;TFRQQTIDFLNDNIRRGIENYYDDLDFKNIMDFVQKKFKCCGGEDYRDWSKNQYHDCSAPGPLACGVPYTCCIRDTTEVV
NTMCGYKTIDKERFSVQDVIYVRGCTNAVIIWFMDNLEVLFQ
;
F,E
#
# COMPACT_ATOMS: atom_id res chain seq x y z
N ASP A 1 -7.25 -37.40 -22.47
CA ASP A 1 -7.91 -38.54 -23.08
C ASP A 1 -9.24 -38.85 -22.39
N ILE A 2 -9.52 -38.15 -21.29
CA ILE A 2 -10.72 -38.37 -20.50
C ILE A 2 -11.72 -37.27 -20.85
N GLN A 3 -12.72 -37.61 -21.65
CA GLN A 3 -13.74 -36.67 -22.11
C GLN A 3 -15.04 -36.85 -21.35
N MET A 4 -15.69 -35.74 -21.01
CA MET A 4 -16.97 -35.73 -20.30
C MET A 4 -18.11 -35.50 -21.28
N GLN A 5 -19.25 -36.15 -21.05
CA GLN A 5 -20.45 -35.94 -21.85
C GLN A 5 -21.65 -35.70 -20.94
N GLN A 6 -22.35 -34.58 -21.14
CA GLN A 6 -23.53 -34.28 -20.35
C GLN A 6 -24.79 -34.63 -21.13
N SER A 7 -25.75 -35.27 -20.45
CA SER A 7 -26.87 -35.90 -21.14
C SER A 7 -27.92 -34.89 -21.61
N PRO A 8 -28.59 -34.12 -20.71
CA PRO A 8 -29.60 -33.18 -21.21
C PRO A 8 -28.95 -32.03 -21.96
N SER A 9 -28.94 -32.11 -23.30
CA SER A 9 -28.39 -31.02 -24.10
C SER A 9 -29.07 -29.70 -23.76
N SER A 10 -30.40 -29.68 -23.82
CA SER A 10 -31.20 -28.57 -23.31
C SER A 10 -32.42 -29.18 -22.66
N LEU A 11 -32.61 -28.91 -21.37
CA LEU A 11 -33.72 -29.49 -20.62
C LEU A 11 -34.48 -28.39 -19.91
N SER A 12 -35.79 -28.36 -20.13
CA SER A 12 -36.68 -27.44 -19.44
C SER A 12 -37.76 -28.25 -18.73
N ALA A 13 -38.01 -27.90 -17.48
CA ALA A 13 -39.08 -28.53 -16.72
C ALA A 13 -39.65 -27.50 -15.76
N SER A 14 -40.82 -27.81 -15.21
CA SER A 14 -41.59 -26.83 -14.48
C SER A 14 -41.12 -26.73 -13.03
N LEU A 15 -41.53 -25.65 -12.37
CA LEU A 15 -41.14 -25.40 -11.00
C LEU A 15 -41.71 -26.49 -10.08
N GLY A 16 -41.13 -26.57 -8.88
CA GLY A 16 -41.52 -27.57 -7.90
C GLY A 16 -41.21 -29.00 -8.29
N ASP A 17 -40.88 -29.25 -9.54
CA ASP A 17 -40.59 -30.59 -10.03
C ASP A 17 -39.14 -30.96 -9.78
N THR A 18 -38.86 -32.25 -9.86
CA THR A 18 -37.53 -32.80 -9.64
C THR A 18 -36.92 -33.15 -10.99
N ILE A 19 -35.75 -32.58 -11.28
CA ILE A 19 -35.05 -32.82 -12.53
C ILE A 19 -33.70 -33.46 -12.23
N THR A 20 -33.08 -34.00 -13.28
CA THR A 20 -31.83 -34.73 -13.13
C THR A 20 -30.97 -34.55 -14.38
N ILE A 21 -29.68 -34.32 -14.17
CA ILE A 21 -28.69 -34.21 -15.23
C ILE A 21 -27.69 -35.34 -15.06
N THR A 22 -27.22 -35.88 -16.17
CA THR A 22 -26.24 -36.96 -16.15
C THR A 22 -24.93 -36.47 -16.75
N CYS A 23 -23.82 -36.96 -16.20
CA CYS A 23 -22.48 -36.64 -16.64
C CYS A 23 -21.72 -37.96 -16.73
N HIS A 24 -21.43 -38.40 -17.95
CA HIS A 24 -20.76 -39.66 -18.20
C HIS A 24 -19.29 -39.42 -18.54
N ALA A 25 -18.43 -40.25 -17.96
CA ALA A 25 -17.00 -40.19 -18.18
C ALA A 25 -16.56 -41.24 -19.20
N SER A 26 -15.39 -41.02 -19.78
CA SER A 26 -14.83 -42.00 -20.71
C SER A 26 -14.07 -43.10 -20.00
N GLN A 27 -13.51 -42.80 -18.83
CA GLN A 27 -12.70 -43.75 -18.08
C GLN A 27 -13.05 -43.62 -16.60
N ASN A 28 -12.79 -44.69 -15.86
CA ASN A 28 -13.01 -44.69 -14.42
C ASN A 28 -12.30 -43.51 -13.77
N ILE A 29 -13.06 -42.68 -13.05
CA ILE A 29 -12.50 -41.56 -12.33
C ILE A 29 -12.81 -41.63 -10.83
N ASN A 30 -13.14 -42.83 -10.34
CA ASN A 30 -13.57 -43.05 -8.96
C ASN A 30 -14.52 -41.98 -8.47
N ALA A 31 -14.10 -41.17 -7.49
CA ALA A 31 -14.96 -40.14 -6.90
C ALA A 31 -14.50 -38.72 -7.25
N TRP A 32 -13.49 -38.56 -8.09
CA TRP A 32 -12.89 -37.26 -8.40
C TRP A 32 -13.75 -36.58 -9.46
N LEU A 33 -14.72 -35.78 -9.02
CA LEU A 33 -15.61 -35.11 -9.96
C LEU A 33 -16.26 -33.89 -9.29
N SER A 34 -16.57 -32.88 -10.10
CA SER A 34 -17.11 -31.62 -9.59
C SER A 34 -18.22 -31.10 -10.49
N TRP A 35 -19.21 -30.45 -9.88
CA TRP A 35 -20.31 -29.77 -10.55
C TRP A 35 -20.30 -28.28 -10.22
N TYR A 36 -20.54 -27.46 -11.25
CA TYR A 36 -20.62 -26.01 -11.10
C TYR A 36 -21.91 -25.49 -11.73
N GLN A 37 -22.36 -24.32 -11.24
CA GLN A 37 -23.54 -23.64 -11.73
C GLN A 37 -23.15 -22.24 -12.22
N GLN A 38 -23.67 -21.85 -13.37
CA GLN A 38 -23.40 -20.54 -13.96
C GLN A 38 -24.74 -19.86 -14.25
N LYS A 39 -25.17 -19.00 -13.34
CA LYS A 39 -26.31 -18.15 -13.63
C LYS A 39 -26.00 -17.28 -14.83
N PRO A 40 -27.00 -16.99 -15.68
CA PRO A 40 -26.74 -16.16 -16.85
C PRO A 40 -26.22 -14.79 -16.47
N GLY A 41 -25.32 -14.26 -17.29
CA GLY A 41 -24.69 -12.98 -16.98
C GLY A 41 -23.95 -12.97 -15.67
N ASN A 42 -23.20 -14.03 -15.38
CA ASN A 42 -22.57 -14.19 -14.08
C ASN A 42 -21.36 -15.10 -14.23
N ILE A 43 -20.50 -15.08 -13.22
CA ILE A 43 -19.35 -15.98 -13.19
C ILE A 43 -19.81 -17.31 -12.59
N PRO A 44 -19.16 -18.42 -12.90
CA PRO A 44 -19.56 -19.69 -12.32
C PRO A 44 -19.25 -19.75 -10.83
N LYS A 45 -20.09 -20.48 -10.10
CA LYS A 45 -19.88 -20.76 -8.69
C LYS A 45 -19.79 -22.28 -8.51
N LEU A 46 -19.04 -22.70 -7.51
CA LEU A 46 -18.92 -24.12 -7.22
C LEU A 46 -20.21 -24.63 -6.58
N LEU A 47 -20.64 -25.81 -7.02
CA LEU A 47 -21.90 -26.39 -6.58
C LEU A 47 -21.71 -27.68 -5.80
N ILE A 48 -20.95 -28.64 -6.34
CA ILE A 48 -20.72 -29.92 -5.69
C ILE A 48 -19.28 -30.36 -5.96
N TYR A 49 -18.61 -30.87 -4.93
CA TYR A 49 -17.25 -31.37 -5.05
C TYR A 49 -17.19 -32.81 -4.56
N LYS A 50 -16.36 -33.61 -5.23
CA LYS A 50 -16.15 -35.01 -4.86
C LYS A 50 -17.46 -35.79 -4.89
N ALA A 51 -18.16 -35.68 -6.02
CA ALA A 51 -19.34 -36.49 -6.33
C ALA A 51 -20.48 -36.29 -5.33
N SER A 52 -20.24 -36.53 -4.04
CA SER A 52 -21.29 -36.60 -3.04
C SER A 52 -21.44 -35.31 -2.24
N ASN A 53 -20.34 -34.74 -1.79
CA ASN A 53 -20.41 -33.63 -0.85
C ASN A 53 -20.86 -32.34 -1.54
N LEU A 54 -21.54 -31.48 -0.79
CA LEU A 54 -22.04 -30.21 -1.26
C LEU A 54 -21.11 -29.10 -0.78
N TYR A 55 -20.79 -28.16 -1.66
CA TYR A 55 -19.96 -27.04 -1.25
C TYR A 55 -20.73 -26.12 -0.31
N THR A 56 -20.00 -25.45 0.56
CA THR A 56 -20.62 -24.63 1.60
C THR A 56 -21.40 -23.48 0.99
N GLY A 57 -22.64 -23.30 1.46
CA GLY A 57 -23.53 -22.28 0.95
C GLY A 57 -24.52 -22.75 -0.09
N VAL A 58 -24.49 -24.02 -0.49
CA VAL A 58 -25.41 -24.54 -1.48
C VAL A 58 -26.68 -25.01 -0.77
N PRO A 59 -27.86 -24.63 -1.25
CA PRO A 59 -29.10 -25.11 -0.64
C PRO A 59 -29.24 -26.62 -0.78
N SER A 60 -29.82 -27.24 0.25
CA SER A 60 -29.81 -28.69 0.40
C SER A 60 -30.60 -29.42 -0.69
N ARG A 61 -31.40 -28.72 -1.49
CA ARG A 61 -32.19 -29.42 -2.50
C ARG A 61 -31.33 -29.98 -3.62
N PHE A 62 -30.12 -29.45 -3.81
CA PHE A 62 -29.18 -30.03 -4.76
C PHE A 62 -28.56 -31.28 -4.17
N SER A 63 -28.52 -32.36 -4.94
CA SER A 63 -27.80 -33.54 -4.51
C SER A 63 -27.09 -34.15 -5.72
N GLY A 64 -26.01 -34.89 -5.45
CA GLY A 64 -25.30 -35.54 -6.52
C GLY A 64 -24.69 -36.86 -6.11
N SER A 65 -24.71 -37.84 -6.99
CA SER A 65 -24.01 -39.10 -6.70
C SER A 65 -23.88 -39.89 -8.00
N GLY A 66 -23.22 -41.02 -7.91
CA GLY A 66 -22.92 -41.83 -9.08
C GLY A 66 -21.65 -42.60 -8.85
N SER A 67 -21.25 -43.33 -9.88
CA SER A 67 -20.11 -44.23 -9.75
C SER A 67 -19.23 -44.11 -10.98
N GLY A 68 -17.94 -43.89 -10.73
CA GLY A 68 -16.89 -43.86 -11.74
C GLY A 68 -17.25 -43.31 -13.10
N THR A 69 -17.98 -44.10 -13.88
CA THR A 69 -18.27 -43.73 -15.26
C THR A 69 -19.41 -42.71 -15.36
N ARG A 70 -20.49 -42.91 -14.61
CA ARG A 70 -21.69 -42.11 -14.76
C ARG A 70 -22.08 -41.46 -13.45
N PHE A 71 -22.46 -40.19 -13.52
CA PHE A 71 -22.83 -39.39 -12.36
C PHE A 71 -24.13 -38.66 -12.64
N THR A 72 -24.85 -38.31 -11.58
CA THR A 72 -26.10 -37.59 -11.69
C THR A 72 -26.15 -36.46 -10.66
N LEU A 73 -26.62 -35.31 -11.12
CA LEU A 73 -26.96 -34.17 -10.28
C LEU A 73 -28.47 -33.97 -10.34
N THR A 74 -29.12 -33.97 -9.18
CA THR A 74 -30.56 -33.93 -9.09
C THR A 74 -31.00 -32.71 -8.29
N ILE A 75 -32.04 -32.03 -8.79
CA ILE A 75 -32.66 -30.90 -8.11
C ILE A 75 -34.10 -31.26 -7.80
N SER A 76 -34.46 -31.24 -6.52
CA SER A 76 -35.84 -31.42 -6.09
C SER A 76 -36.40 -30.07 -5.66
N SER A 77 -37.72 -29.93 -5.75
CA SER A 77 -38.41 -28.68 -5.47
C SER A 77 -37.74 -27.51 -6.18
N LEU A 78 -37.74 -27.62 -7.51
CA LEU A 78 -37.03 -26.67 -8.35
C LEU A 78 -37.49 -25.24 -8.10
N GLN A 79 -36.56 -24.31 -8.13
CA GLN A 79 -36.82 -22.90 -7.87
C GLN A 79 -36.44 -22.07 -9.09
N PRO A 80 -37.05 -20.89 -9.26
CA PRO A 80 -36.74 -20.09 -10.45
C PRO A 80 -35.30 -19.59 -10.48
N GLU A 81 -34.76 -19.16 -9.35
CA GLU A 81 -33.40 -18.63 -9.32
C GLU A 81 -32.36 -19.65 -9.79
N ASP A 82 -32.71 -20.94 -9.82
CA ASP A 82 -31.82 -21.97 -10.31
C ASP A 82 -31.75 -22.02 -11.84
N ILE A 83 -32.37 -21.07 -12.55
CA ILE A 83 -32.18 -20.97 -13.98
C ILE A 83 -30.72 -20.60 -14.23
N ALA A 84 -30.02 -21.47 -14.96
CA ALA A 84 -28.58 -21.29 -15.18
C ALA A 84 -28.14 -22.35 -16.19
N THR A 85 -26.83 -22.39 -16.42
CA THR A 85 -26.21 -23.47 -17.16
C THR A 85 -25.27 -24.22 -16.23
N TYR A 86 -25.31 -25.54 -16.29
CA TYR A 86 -24.63 -26.37 -15.31
C TYR A 86 -23.54 -27.19 -16.00
N TYR A 87 -22.39 -27.32 -15.34
CA TYR A 87 -21.24 -28.01 -15.91
C TYR A 87 -20.69 -29.04 -14.92
N CYS A 88 -19.99 -30.04 -15.45
CA CYS A 88 -19.28 -31.03 -14.65
C CYS A 88 -17.87 -31.18 -15.20
N GLN A 89 -16.92 -31.44 -14.30
CA GLN A 89 -15.56 -31.76 -14.69
C GLN A 89 -15.06 -32.96 -13.89
N GLN A 90 -14.00 -33.57 -14.41
CA GLN A 90 -13.25 -34.62 -13.73
C GLN A 90 -11.89 -34.09 -13.30
N GLY A 91 -11.32 -34.73 -12.29
CA GLY A 91 -10.03 -34.30 -11.78
C GLY A 91 -9.06 -35.42 -11.49
N GLN A 92 -9.45 -36.67 -11.77
CA GLN A 92 -8.60 -37.82 -11.44
C GLN A 92 -7.26 -37.74 -12.16
N SER A 93 -7.30 -37.62 -13.48
CA SER A 93 -6.08 -37.59 -14.28
C SER A 93 -6.05 -36.33 -15.13
N SER A 94 -4.94 -35.59 -15.03
CA SER A 94 -4.76 -34.41 -15.87
C SER A 94 -4.50 -34.84 -17.31
N PRO A 95 -4.85 -34.00 -18.30
CA PRO A 95 -5.47 -32.67 -18.18
C PRO A 95 -6.94 -32.73 -17.80
N TYR A 96 -7.37 -31.80 -16.95
CA TYR A 96 -8.77 -31.74 -16.55
C TYR A 96 -9.64 -31.35 -17.75
N THR A 97 -10.82 -31.95 -17.84
CA THR A 97 -11.76 -31.64 -18.91
C THR A 97 -13.12 -31.30 -18.33
N PHE A 98 -13.90 -30.56 -19.10
CA PHE A 98 -15.23 -30.11 -18.72
C PHE A 98 -16.31 -30.84 -19.50
N GLY A 99 -17.57 -30.57 -19.13
CA GLY A 99 -18.72 -31.13 -19.81
C GLY A 99 -19.27 -30.20 -20.89
N GLY A 100 -20.20 -30.76 -21.68
CA GLY A 100 -20.76 -30.05 -22.82
C GLY A 100 -21.61 -28.85 -22.46
N GLY A 101 -22.03 -28.73 -21.20
CA GLY A 101 -22.90 -27.65 -20.79
C GLY A 101 -24.36 -27.97 -21.04
N THR A 102 -25.17 -27.89 -19.99
CA THR A 102 -26.59 -28.21 -20.06
C THR A 102 -27.40 -26.99 -19.63
N LYS A 103 -28.33 -26.58 -20.48
CA LYS A 103 -29.12 -25.39 -20.23
C LYS A 103 -30.35 -25.78 -19.43
N LEU A 104 -30.67 -24.97 -18.43
CA LEU A 104 -31.83 -25.20 -17.59
C LEU A 104 -32.82 -24.07 -17.77
N GLU A 105 -34.02 -24.42 -18.21
CA GLU A 105 -35.10 -23.46 -18.40
C GLU A 105 -36.29 -23.85 -17.53
N ILE A 106 -36.93 -22.85 -16.97
CA ILE A 106 -38.14 -23.05 -16.17
C ILE A 106 -39.34 -23.10 -17.10
N LYS A 107 -40.32 -23.92 -16.75
CA LYS A 107 -41.62 -23.93 -17.42
C LYS A 107 -42.63 -23.22 -16.54
N ARG A 108 -43.11 -22.07 -17.02
CA ARG A 108 -44.04 -21.27 -16.22
C ARG A 108 -45.32 -20.96 -16.99
N ALA A 109 -46.11 -20.02 -16.47
CA ALA A 109 -47.40 -19.65 -17.02
C ALA A 109 -47.26 -18.60 -18.11
N ASP A 110 -48.27 -18.55 -18.99
CA ASP A 110 -48.28 -17.59 -20.09
C ASP A 110 -48.46 -16.19 -19.53
N ALA A 111 -47.40 -15.40 -19.59
CA ALA A 111 -47.49 -13.97 -19.33
C ALA A 111 -47.50 -13.24 -20.67
N ALA A 112 -47.49 -11.92 -20.61
CA ALA A 112 -47.55 -11.11 -21.81
C ALA A 112 -46.59 -9.94 -21.67
N PRO A 113 -46.03 -9.47 -22.77
CA PRO A 113 -45.01 -8.42 -22.67
C PRO A 113 -45.59 -7.12 -22.13
N THR A 114 -44.77 -6.40 -21.39
CA THR A 114 -45.07 -5.03 -20.96
C THR A 114 -44.22 -4.12 -21.83
N VAL A 115 -44.76 -3.76 -22.99
CA VAL A 115 -44.01 -3.08 -24.04
C VAL A 115 -43.95 -1.59 -23.76
N SER A 116 -42.80 -0.98 -24.08
CA SER A 116 -42.63 0.46 -23.98
C SER A 116 -41.78 0.94 -25.15
N ILE A 117 -42.08 2.13 -25.67
CA ILE A 117 -41.42 2.64 -26.87
C ILE A 117 -40.88 4.03 -26.57
N PHE A 118 -39.72 4.34 -27.15
CA PHE A 118 -38.96 5.50 -26.75
C PHE A 118 -38.41 6.25 -27.96
N PRO A 119 -38.62 7.57 -28.01
CA PRO A 119 -38.13 8.37 -29.12
C PRO A 119 -36.67 8.74 -28.90
N PRO A 120 -35.94 9.07 -29.96
CA PRO A 120 -34.55 9.47 -29.78
C PRO A 120 -34.46 10.78 -29.00
N SER A 121 -33.47 10.86 -28.13
CA SER A 121 -33.25 12.05 -27.33
C SER A 121 -32.59 13.15 -28.16
N SER A 122 -32.62 14.36 -27.63
CA SER A 122 -31.91 15.46 -28.28
C SER A 122 -30.40 15.22 -28.30
N GLU A 123 -29.89 14.50 -27.30
CA GLU A 123 -28.47 14.21 -27.26
C GLU A 123 -28.04 13.36 -28.45
N GLN A 124 -28.85 12.36 -28.80
CA GLN A 124 -28.53 11.54 -29.96
C GLN A 124 -28.74 12.32 -31.26
N LEU A 125 -29.83 13.09 -31.34
CA LEU A 125 -30.08 13.89 -32.54
C LEU A 125 -28.95 14.89 -32.80
N THR A 126 -28.28 15.35 -31.75
CA THR A 126 -27.16 16.26 -31.96
C THR A 126 -26.02 15.55 -32.68
N SER A 127 -25.81 14.27 -32.39
CA SER A 127 -24.75 13.49 -33.02
C SER A 127 -25.06 13.09 -34.46
N GLY A 128 -26.22 13.48 -34.99
CA GLY A 128 -26.56 13.27 -36.37
C GLY A 128 -27.45 12.08 -36.65
N GLY A 129 -27.67 11.23 -35.65
CA GLY A 129 -28.49 10.05 -35.80
C GLY A 129 -29.75 10.11 -34.95
N ALA A 130 -30.58 9.09 -35.12
CA ALA A 130 -31.79 8.96 -34.32
C ALA A 130 -32.12 7.48 -34.20
N SER A 131 -32.24 6.97 -32.98
CA SER A 131 -32.62 5.59 -32.74
C SER A 131 -33.89 5.55 -31.90
N VAL A 132 -34.88 4.83 -32.40
CA VAL A 132 -36.13 4.60 -31.68
C VAL A 132 -36.02 3.23 -31.04
N VAL A 133 -36.23 3.19 -29.72
CA VAL A 133 -35.98 1.99 -28.93
C VAL A 133 -37.32 1.39 -28.50
N CYS A 134 -37.36 0.06 -28.41
CA CYS A 134 -38.58 -0.68 -28.11
C CYS A 134 -38.24 -1.81 -27.15
N PHE A 135 -38.89 -1.82 -25.98
CA PHE A 135 -38.63 -2.78 -24.92
C PHE A 135 -39.84 -3.68 -24.74
N LEU A 136 -39.60 -4.98 -24.57
CA LEU A 136 -40.65 -5.98 -24.36
C LEU A 136 -40.22 -6.82 -23.16
N ASN A 137 -40.74 -6.48 -21.98
CA ASN A 137 -40.25 -7.04 -20.74
C ASN A 137 -41.23 -8.05 -20.15
N ASN A 138 -40.67 -9.06 -19.49
CA ASN A 138 -41.41 -9.94 -18.59
C ASN A 138 -42.47 -10.74 -19.34
N PHE A 139 -42.06 -11.34 -20.45
CA PHE A 139 -42.96 -12.14 -21.28
C PHE A 139 -42.50 -13.58 -21.36
N TYR A 140 -43.47 -14.49 -21.44
CA TYR A 140 -43.25 -15.92 -21.57
C TYR A 140 -44.35 -16.46 -22.47
N PRO A 141 -44.03 -17.42 -23.37
CA PRO A 141 -42.76 -18.09 -23.62
C PRO A 141 -41.78 -17.26 -24.45
N LYS A 142 -40.63 -17.88 -24.79
CA LYS A 142 -39.54 -17.14 -25.42
C LYS A 142 -39.88 -16.67 -26.83
N ASP A 143 -40.70 -17.42 -27.56
CA ASP A 143 -40.99 -17.08 -28.94
C ASP A 143 -41.81 -15.80 -29.05
N ILE A 144 -41.32 -14.87 -29.86
CA ILE A 144 -41.95 -13.57 -30.06
C ILE A 144 -41.34 -12.94 -31.31
N ASN A 145 -42.08 -12.06 -31.99
CA ASN A 145 -41.60 -11.41 -33.20
C ASN A 145 -41.91 -9.93 -33.14
N VAL A 146 -40.92 -9.09 -33.45
CA VAL A 146 -41.05 -7.65 -33.40
C VAL A 146 -40.69 -7.08 -34.76
N LYS A 147 -41.50 -6.12 -35.22
CA LYS A 147 -41.29 -5.46 -36.49
C LYS A 147 -41.56 -3.96 -36.34
N TRP A 148 -40.98 -3.19 -37.27
CA TRP A 148 -41.05 -1.74 -37.25
C TRP A 148 -41.81 -1.24 -38.46
N LYS A 149 -42.68 -0.24 -38.23
CA LYS A 149 -43.38 0.44 -39.30
C LYS A 149 -43.11 1.93 -39.21
N ILE A 150 -42.57 2.50 -40.29
CA ILE A 150 -42.47 3.95 -40.45
C ILE A 150 -43.63 4.38 -41.33
N ASP A 151 -44.49 5.25 -40.78
CA ASP A 151 -45.67 5.74 -41.49
C ASP A 151 -46.41 4.61 -42.21
N GLY A 152 -46.71 3.56 -41.45
CA GLY A 152 -47.51 2.46 -41.94
C GLY A 152 -46.80 1.48 -42.85
N SER A 153 -45.54 1.72 -43.20
CA SER A 153 -44.79 0.80 -44.05
C SER A 153 -43.72 0.10 -43.23
N GLU A 154 -43.66 -1.22 -43.33
CA GLU A 154 -42.73 -2.00 -42.53
C GLU A 154 -41.31 -1.82 -43.05
N ARG A 155 -40.42 -1.36 -42.19
CA ARG A 155 -39.00 -1.30 -42.49
C ARG A 155 -38.35 -2.55 -41.93
N GLN A 156 -37.65 -3.28 -42.78
CA GLN A 156 -36.98 -4.52 -42.39
C GLN A 156 -35.47 -4.39 -42.41
N ASN A 157 -34.96 -3.18 -42.60
CA ASN A 157 -33.54 -2.93 -42.68
C ASN A 157 -33.14 -1.95 -41.58
N GLY A 158 -31.98 -2.19 -40.98
CA GLY A 158 -31.47 -1.33 -39.93
C GLY A 158 -31.96 -1.65 -38.54
N VAL A 159 -32.72 -2.72 -38.36
CA VAL A 159 -33.21 -3.10 -37.04
C VAL A 159 -32.12 -3.89 -36.32
N LEU A 160 -32.02 -3.70 -35.01
CA LEU A 160 -31.04 -4.39 -34.18
C LEU A 160 -31.76 -4.99 -32.98
N ASN A 161 -31.56 -6.29 -32.76
CA ASN A 161 -32.36 -7.06 -31.81
C ASN A 161 -31.48 -7.67 -30.72
N SER A 162 -32.02 -7.72 -29.50
CA SER A 162 -31.34 -8.31 -28.35
C SER A 162 -32.33 -9.12 -27.53
N TRP A 163 -31.94 -10.37 -27.22
CA TRP A 163 -32.76 -11.30 -26.44
C TRP A 163 -32.02 -11.71 -25.18
N THR A 164 -32.69 -11.65 -24.04
CA THR A 164 -32.16 -12.23 -22.80
C THR A 164 -32.79 -13.59 -22.53
N ASP A 165 -32.09 -14.40 -21.74
CA ASP A 165 -32.62 -15.66 -21.27
C ASP A 165 -33.42 -15.45 -19.99
N GLN A 166 -34.10 -16.51 -19.55
CA GLN A 166 -35.03 -16.43 -18.42
C GLN A 166 -34.39 -15.77 -17.21
N ASP A 167 -35.01 -14.69 -16.74
CA ASP A 167 -34.55 -14.01 -15.55
C ASP A 167 -34.62 -14.94 -14.35
N SER A 168 -33.68 -14.78 -13.43
CA SER A 168 -33.56 -15.72 -12.31
C SER A 168 -34.85 -15.78 -11.50
N LYS A 169 -35.37 -14.62 -11.10
CA LYS A 169 -36.66 -14.55 -10.42
C LYS A 169 -37.69 -13.89 -11.34
N ASP A 170 -38.87 -14.53 -11.43
CA ASP A 170 -40.07 -14.23 -12.22
C ASP A 170 -40.19 -15.17 -13.41
N SER A 171 -39.07 -15.73 -13.86
CA SER A 171 -39.02 -16.80 -14.85
C SER A 171 -39.35 -16.34 -16.27
N THR A 172 -39.28 -15.03 -16.55
CA THR A 172 -39.73 -14.46 -17.81
C THR A 172 -38.58 -13.89 -18.65
N TYR A 173 -38.73 -14.01 -19.97
CA TYR A 173 -37.81 -13.47 -20.96
C TYR A 173 -38.11 -12.00 -21.23
N SER A 174 -37.14 -11.31 -21.83
CA SER A 174 -37.28 -9.91 -22.20
C SER A 174 -36.43 -9.61 -23.43
N MET A 175 -36.86 -8.62 -24.21
CA MET A 175 -36.32 -8.38 -25.55
C MET A 175 -36.26 -6.88 -25.83
N SER A 176 -35.35 -6.50 -26.73
CA SER A 176 -35.17 -5.09 -27.10
C SER A 176 -34.90 -4.98 -28.60
N SER A 177 -35.48 -3.96 -29.22
CA SER A 177 -35.26 -3.64 -30.63
C SER A 177 -34.91 -2.16 -30.77
N THR A 178 -33.76 -1.88 -31.37
CA THR A 178 -33.38 -0.51 -31.73
C THR A 178 -33.52 -0.35 -33.23
N LEU A 179 -34.02 0.80 -33.66
CA LEU A 179 -34.04 1.15 -35.09
C LEU A 179 -33.31 2.47 -35.25
N THR A 180 -32.24 2.46 -36.04
CA THR A 180 -31.35 3.59 -36.17
C THR A 180 -31.43 4.15 -37.58
N LEU A 181 -31.61 5.46 -37.68
CA LEU A 181 -31.66 6.17 -38.95
C LEU A 181 -30.83 7.44 -38.79
N THR A 182 -30.61 8.12 -39.90
CA THR A 182 -30.09 9.48 -39.82
C THR A 182 -31.24 10.42 -39.49
N LYS A 183 -30.90 11.53 -38.81
CA LYS A 183 -31.92 12.52 -38.49
C LYS A 183 -32.60 13.02 -39.76
N ASP A 184 -31.86 13.04 -40.88
CA ASP A 184 -32.47 13.28 -42.18
C ASP A 184 -33.66 12.35 -42.41
N GLU A 185 -33.44 11.05 -42.24
CA GLU A 185 -34.48 10.06 -42.51
C GLU A 185 -35.42 9.88 -41.33
N TYR A 186 -35.10 10.48 -40.18
CA TYR A 186 -36.02 10.42 -39.03
C TYR A 186 -37.10 11.49 -39.15
N GLU A 187 -36.70 12.76 -39.18
CA GLU A 187 -37.64 13.87 -39.21
C GLU A 187 -38.23 14.12 -40.59
N ARG A 188 -37.91 13.28 -41.58
CA ARG A 188 -38.67 13.25 -42.83
C ARG A 188 -39.97 12.48 -42.69
N HIS A 189 -40.14 11.75 -41.60
CA HIS A 189 -41.30 10.90 -41.34
C HIS A 189 -41.88 11.29 -40.00
N ASN A 190 -43.00 10.67 -39.63
CA ASN A 190 -43.75 11.12 -38.46
C ASN A 190 -44.04 10.00 -37.47
N SER A 191 -44.94 9.09 -37.84
CA SER A 191 -45.40 8.06 -36.91
C SER A 191 -44.47 6.84 -36.98
N TYR A 192 -43.83 6.52 -35.86
CA TYR A 192 -43.01 5.34 -35.74
C TYR A 192 -43.72 4.32 -34.87
N THR A 193 -43.76 3.07 -35.35
CA THR A 193 -44.62 2.02 -34.83
C THR A 193 -43.81 0.75 -34.59
N CYS A 194 -44.07 0.10 -33.46
CA CYS A 194 -43.37 -1.10 -33.04
C CYS A 194 -44.42 -2.17 -32.71
N GLU A 195 -44.31 -3.34 -33.35
CA GLU A 195 -45.35 -4.36 -33.27
C GLU A 195 -44.74 -5.70 -32.87
N ALA A 196 -45.54 -6.50 -32.13
CA ALA A 196 -45.06 -7.72 -31.50
C ALA A 196 -46.13 -8.79 -31.50
N THR A 197 -45.71 -10.03 -31.80
CA THR A 197 -46.56 -11.22 -31.77
C THR A 197 -45.96 -12.25 -30.83
N HIS A 198 -46.80 -12.80 -29.94
CA HIS A 198 -46.33 -13.78 -28.96
C HIS A 198 -47.46 -14.71 -28.53
N LYS A 199 -48.17 -15.29 -29.51
CA LYS A 199 -49.08 -16.42 -29.31
C LYS A 199 -50.22 -16.19 -28.33
N THR A 200 -49.93 -15.61 -27.16
CA THR A 200 -50.87 -15.64 -26.03
C THR A 200 -52.20 -14.98 -26.41
N SER A 201 -52.16 -13.73 -26.86
CA SER A 201 -53.34 -13.04 -27.34
C SER A 201 -53.25 -12.93 -28.85
N THR A 202 -54.32 -13.34 -29.54
CA THR A 202 -54.31 -13.35 -31.00
C THR A 202 -54.12 -11.96 -31.60
N SER A 203 -54.63 -10.93 -30.95
CA SER A 203 -54.41 -9.56 -31.39
C SER A 203 -53.00 -9.10 -31.00
N PRO A 204 -52.13 -8.80 -31.97
CA PRO A 204 -50.74 -8.44 -31.64
C PRO A 204 -50.67 -7.14 -30.84
N ILE A 205 -49.52 -6.94 -30.19
CA ILE A 205 -49.30 -5.82 -29.27
C ILE A 205 -48.45 -4.78 -29.98
N VAL A 206 -48.99 -3.56 -30.12
CA VAL A 206 -48.38 -2.51 -30.93
C VAL A 206 -48.35 -1.21 -30.13
N LYS A 207 -47.23 -0.50 -30.20
CA LYS A 207 -47.10 0.84 -29.63
C LYS A 207 -46.51 1.76 -30.68
N SER A 208 -46.65 3.06 -30.47
CA SER A 208 -46.18 4.01 -31.48
C SER A 208 -46.04 5.39 -30.85
N PHE A 209 -45.47 6.29 -31.66
CA PHE A 209 -45.69 7.71 -31.43
C PHE A 209 -45.47 8.44 -32.74
N ASN A 210 -46.24 9.50 -32.96
CA ASN A 210 -45.99 10.40 -34.07
C ASN A 210 -45.01 11.47 -33.60
N ARG A 211 -44.11 11.88 -34.49
CA ARG A 211 -43.16 12.92 -34.11
C ARG A 211 -43.87 14.20 -33.67
N ASN A 212 -45.15 14.35 -34.04
CA ASN A 212 -46.01 15.40 -33.51
C ASN A 212 -46.90 14.92 -32.37
N GLU A 213 -46.56 13.79 -31.73
CA GLU A 213 -47.30 13.35 -30.55
C GLU A 213 -47.30 14.44 -29.49
N CYS A 214 -46.21 15.20 -29.42
CA CYS A 214 -46.12 16.32 -28.50
C CYS A 214 -47.23 17.33 -28.76
N LEU A 215 -47.56 17.55 -30.03
CA LEU A 215 -48.58 18.53 -30.39
C LEU A 215 -49.95 18.13 -29.88
N GLU A 216 -50.22 16.83 -29.71
CA GLU A 216 -51.55 16.37 -29.31
C GLU A 216 -51.95 16.91 -27.94
N VAL A 217 -51.10 16.71 -26.94
CA VAL A 217 -51.49 17.01 -25.57
C VAL A 217 -51.60 18.52 -25.35
N LEU A 218 -50.54 19.25 -25.66
CA LEU A 218 -50.55 20.70 -25.46
C LEU A 218 -51.52 21.42 -26.40
N PHE A 219 -51.76 20.88 -27.59
CA PHE A 219 -52.24 21.65 -28.74
C PHE A 219 -51.52 22.99 -28.82
N GLN A 220 -50.20 22.90 -28.83
CA GLN A 220 -49.37 24.07 -29.06
C GLN A 220 -49.39 24.37 -30.56
N GLN B 1 -11.36 -14.62 3.63
CA GLN B 1 -11.15 -13.60 2.61
C GLN B 1 -10.19 -14.10 1.53
N VAL B 2 -10.57 -15.19 0.87
CA VAL B 2 -9.78 -15.78 -0.20
C VAL B 2 -10.26 -15.18 -1.52
N HIS B 3 -9.42 -14.37 -2.16
CA HIS B 3 -9.85 -13.64 -3.34
C HIS B 3 -8.79 -13.68 -4.43
N LEU B 4 -9.25 -13.58 -5.68
CA LEU B 4 -8.41 -13.58 -6.88
C LEU B 4 -8.83 -12.42 -7.76
N GLN B 5 -7.92 -11.47 -7.98
CA GLN B 5 -8.17 -10.35 -8.87
C GLN B 5 -7.33 -10.50 -10.13
N GLN B 6 -7.98 -10.43 -11.29
CA GLN B 6 -7.27 -10.60 -12.55
C GLN B 6 -7.00 -9.23 -13.19
N SER B 7 -6.46 -9.26 -14.40
CA SER B 7 -6.17 -8.05 -15.14
C SER B 7 -7.44 -7.41 -15.68
N GLY B 8 -7.33 -6.14 -16.04
CA GLY B 8 -8.39 -5.47 -16.74
C GLY B 8 -8.51 -6.06 -18.14
N PRO B 9 -9.69 -5.89 -18.75
CA PRO B 9 -9.90 -6.46 -20.09
C PRO B 9 -8.91 -5.90 -21.10
N GLU B 10 -8.53 -6.76 -22.05
CA GLU B 10 -7.46 -6.46 -22.99
C GLU B 10 -7.97 -6.55 -24.42
N LEU B 11 -7.39 -5.71 -25.29
CA LEU B 11 -7.66 -5.71 -26.72
C LEU B 11 -6.33 -5.80 -27.45
N VAL B 12 -6.23 -6.75 -28.39
CA VAL B 12 -4.99 -6.99 -29.12
C VAL B 12 -5.29 -7.30 -30.58
N LYS B 13 -4.43 -6.78 -31.46
CA LYS B 13 -4.50 -7.11 -32.87
C LYS B 13 -4.21 -8.59 -33.07
N PRO B 14 -4.71 -9.18 -34.17
CA PRO B 14 -4.43 -10.60 -34.41
C PRO B 14 -2.94 -10.88 -34.51
N GLY B 15 -2.53 -12.02 -33.96
CA GLY B 15 -1.14 -12.41 -34.01
C GLY B 15 -0.28 -11.84 -32.91
N ALA B 16 -0.84 -11.03 -32.01
CA ALA B 16 -0.09 -10.37 -30.95
C ALA B 16 0.00 -11.29 -29.74
N SER B 17 0.30 -10.73 -28.57
CA SER B 17 0.45 -11.49 -27.33
C SER B 17 -0.13 -10.69 -26.17
N VAL B 18 -0.58 -11.42 -25.15
CA VAL B 18 -1.21 -10.82 -23.97
C VAL B 18 -0.59 -11.44 -22.72
N LYS B 19 -0.48 -10.65 -21.66
CA LYS B 19 -0.08 -11.13 -20.35
C LYS B 19 -1.21 -10.86 -19.37
N ILE B 20 -1.95 -11.92 -19.00
CA ILE B 20 -2.97 -11.81 -17.97
C ILE B 20 -2.31 -12.07 -16.62
N SER B 21 -2.62 -11.24 -15.63
CA SER B 21 -2.06 -11.35 -14.30
C SER B 21 -3.18 -11.64 -13.29
N CYS B 22 -2.89 -12.51 -12.33
CA CYS B 22 -3.85 -13.00 -11.35
C CYS B 22 -3.22 -12.91 -9.97
N LYS B 23 -3.65 -11.94 -9.18
CA LYS B 23 -3.17 -11.72 -7.82
C LYS B 23 -4.10 -12.40 -6.82
N ALA B 24 -3.51 -13.15 -5.89
CA ALA B 24 -4.24 -13.97 -4.92
C ALA B 24 -4.07 -13.41 -3.51
N SER B 25 -5.08 -13.63 -2.67
CA SER B 25 -5.03 -13.14 -1.30
C SER B 25 -5.87 -14.03 -0.39
N GLY B 26 -5.49 -14.04 0.89
CA GLY B 26 -6.21 -14.78 1.92
C GLY B 26 -5.58 -16.10 2.31
N TYR B 27 -4.61 -16.60 1.54
CA TYR B 27 -4.05 -17.91 1.78
C TYR B 27 -2.57 -17.88 1.42
N THR B 28 -1.85 -18.90 1.90
CA THR B 28 -0.43 -19.02 1.54
C THR B 28 -0.33 -19.33 0.06
N PHE B 29 0.26 -18.40 -0.69
CA PHE B 29 0.27 -18.51 -2.16
C PHE B 29 0.96 -19.78 -2.63
N SER B 30 2.12 -20.10 -2.05
CA SER B 30 2.94 -21.18 -2.59
C SER B 30 2.34 -22.56 -2.35
N ASP B 31 1.38 -22.69 -1.44
CA ASP B 31 0.91 -24.01 -1.05
C ASP B 31 -0.14 -24.58 -2.01
N TYR B 32 -0.89 -23.72 -2.71
CA TYR B 32 -2.02 -24.17 -3.50
C TYR B 32 -1.80 -23.91 -4.99
N TYR B 33 -2.37 -24.79 -5.81
CA TYR B 33 -2.29 -24.70 -7.26
C TYR B 33 -3.10 -23.52 -7.78
N ILE B 34 -2.82 -23.15 -9.02
CA ILE B 34 -3.63 -22.18 -9.75
C ILE B 34 -3.96 -22.80 -11.10
N ASN B 35 -5.25 -22.87 -11.41
CA ASN B 35 -5.74 -23.36 -12.68
C ASN B 35 -6.22 -22.21 -13.54
N TRP B 36 -6.14 -22.38 -14.85
CA TRP B 36 -6.64 -21.38 -15.78
C TRP B 36 -7.69 -22.00 -16.70
N VAL B 37 -8.78 -21.27 -16.93
CA VAL B 37 -9.91 -21.78 -17.70
C VAL B 37 -10.38 -20.70 -18.66
N ARG B 38 -10.55 -21.06 -19.93
CA ARG B 38 -10.94 -20.11 -20.96
C ARG B 38 -12.34 -20.45 -21.45
N GLN B 39 -13.20 -19.43 -21.52
CA GLN B 39 -14.54 -19.57 -22.09
C GLN B 39 -14.63 -18.67 -23.31
N ARG B 40 -14.71 -19.28 -24.50
CA ARG B 40 -15.07 -18.52 -25.68
C ARG B 40 -16.47 -17.96 -25.50
N PRO B 41 -16.81 -16.85 -26.18
CA PRO B 41 -18.02 -16.11 -25.79
C PRO B 41 -19.31 -16.91 -25.81
N GLY B 42 -19.49 -17.82 -26.76
CA GLY B 42 -20.75 -18.52 -26.85
C GLY B 42 -20.71 -20.01 -26.52
N GLN B 43 -19.65 -20.44 -25.84
CA GLN B 43 -19.47 -21.84 -25.51
C GLN B 43 -19.27 -22.02 -24.01
N GLY B 44 -18.98 -23.26 -23.59
CA GLY B 44 -18.79 -23.56 -22.19
C GLY B 44 -17.36 -23.28 -21.75
N LEU B 45 -17.02 -23.83 -20.60
CA LEU B 45 -15.70 -23.64 -20.02
C LEU B 45 -14.71 -24.64 -20.59
N GLU B 46 -13.47 -24.19 -20.78
CA GLU B 46 -12.43 -24.96 -21.43
C GLU B 46 -11.14 -24.79 -20.62
N TRP B 47 -10.42 -25.89 -20.41
CA TRP B 47 -9.36 -25.97 -19.41
C TRP B 47 -8.01 -25.72 -20.05
N ILE B 48 -7.35 -24.65 -19.62
CA ILE B 48 -6.01 -24.29 -20.08
C ILE B 48 -5.00 -25.26 -19.48
N GLY B 49 -4.73 -25.08 -18.18
CA GLY B 49 -3.70 -25.86 -17.52
C GLY B 49 -3.50 -25.39 -16.09
N TRP B 50 -2.60 -26.11 -15.40
CA TRP B 50 -2.34 -25.86 -13.99
C TRP B 50 -0.87 -25.51 -13.75
N ILE B 51 -0.65 -24.78 -12.66
CA ILE B 51 0.70 -24.41 -12.25
C ILE B 51 0.74 -24.35 -10.73
N PHE B 52 1.81 -24.91 -10.16
CA PHE B 52 2.01 -24.92 -8.71
C PHE B 52 3.16 -23.98 -8.36
N PRO B 53 2.90 -22.91 -7.60
CA PRO B 53 3.94 -21.88 -7.40
C PRO B 53 5.17 -22.38 -6.67
N GLY B 54 5.00 -23.13 -5.58
CA GLY B 54 6.13 -23.51 -4.75
C GLY B 54 7.24 -24.23 -5.49
N SER B 55 6.89 -25.00 -6.52
CA SER B 55 7.86 -25.69 -7.34
C SER B 55 8.01 -25.10 -8.73
N GLY B 56 7.02 -24.36 -9.22
CA GLY B 56 7.04 -23.85 -10.58
C GLY B 56 6.69 -24.85 -11.65
N ASN B 57 6.25 -26.05 -11.28
CA ASN B 57 5.88 -27.05 -12.26
C ASN B 57 4.64 -26.59 -13.03
N THR B 58 4.48 -27.13 -14.24
CA THR B 58 3.44 -26.68 -15.15
C THR B 58 2.88 -27.85 -15.93
N TYR B 59 1.57 -27.83 -16.15
CA TYR B 59 0.96 -28.76 -17.08
C TYR B 59 -0.02 -27.99 -17.93
N TYR B 60 -0.04 -28.31 -19.22
CA TYR B 60 -0.84 -27.60 -20.20
C TYR B 60 -1.81 -28.58 -20.85
N ASN B 61 -2.92 -28.06 -21.34
CA ASN B 61 -3.73 -28.81 -22.27
C ASN B 61 -2.98 -28.82 -23.61
N LYS B 62 -3.06 -29.94 -24.33
CA LYS B 62 -2.30 -30.07 -25.56
C LYS B 62 -2.59 -28.94 -26.54
N GLU B 63 -3.86 -28.53 -26.63
CA GLU B 63 -4.24 -27.50 -27.60
C GLU B 63 -3.53 -26.17 -27.34
N PHE B 64 -3.35 -25.80 -26.08
CA PHE B 64 -2.86 -24.47 -25.75
C PHE B 64 -1.37 -24.42 -25.42
N LYS B 65 -0.69 -25.57 -25.43
CA LYS B 65 0.74 -25.59 -25.11
C LYS B 65 1.52 -24.68 -26.04
N VAL B 66 1.15 -24.65 -27.32
CA VAL B 66 1.86 -23.81 -28.28
C VAL B 66 1.56 -22.33 -28.03
N LYS B 67 0.32 -21.99 -27.71
CA LYS B 67 -0.09 -20.59 -27.69
C LYS B 67 0.07 -19.91 -26.34
N ALA B 68 0.16 -20.66 -25.25
CA ALA B 68 0.19 -20.08 -23.91
C ALA B 68 1.39 -20.58 -23.13
N THR B 69 1.83 -19.76 -22.18
CA THR B 69 2.91 -20.10 -21.26
C THR B 69 2.56 -19.51 -19.90
N LEU B 70 2.72 -20.32 -18.86
CA LEU B 70 2.30 -19.98 -17.51
C LEU B 70 3.49 -19.68 -16.62
N THR B 71 3.41 -18.61 -15.83
CA THR B 71 4.49 -18.23 -14.93
C THR B 71 3.91 -17.74 -13.60
N VAL B 72 4.79 -17.65 -12.60
CA VAL B 72 4.44 -17.12 -11.27
C VAL B 72 5.59 -16.24 -10.79
N ASP B 73 5.25 -15.26 -9.95
CA ASP B 73 6.25 -14.45 -9.27
C ASP B 73 5.86 -14.45 -7.79
N LYS B 74 6.50 -15.32 -7.02
CA LYS B 74 6.12 -15.53 -5.62
C LYS B 74 6.12 -14.23 -4.82
N SER B 75 7.09 -13.35 -5.09
CA SER B 75 7.12 -12.06 -4.38
C SER B 75 5.85 -11.25 -4.64
N SER B 76 5.40 -11.21 -5.89
CA SER B 76 4.13 -10.56 -6.20
C SER B 76 2.94 -11.32 -5.65
N SER B 77 3.11 -12.60 -5.30
CA SER B 77 1.98 -13.48 -5.01
C SER B 77 0.99 -13.46 -6.17
N THR B 78 1.54 -13.58 -7.38
CA THR B 78 0.78 -13.43 -8.61
C THR B 78 1.17 -14.51 -9.60
N ALA B 79 0.18 -14.98 -10.36
CA ALA B 79 0.40 -15.86 -11.50
C ALA B 79 0.14 -15.08 -12.79
N HIS B 80 0.70 -15.57 -13.88
CA HIS B 80 0.56 -14.91 -15.17
C HIS B 80 0.36 -15.96 -16.24
N MET B 81 -0.45 -15.61 -17.22
CA MET B 81 -0.67 -16.43 -18.41
C MET B 81 -0.36 -15.56 -19.63
N PHE B 82 0.62 -15.99 -20.43
CA PHE B 82 1.03 -15.26 -21.62
C PHE B 82 0.56 -16.01 -22.86
N LEU B 83 -0.30 -15.38 -23.64
CA LEU B 83 -0.80 -15.96 -24.88
C LEU B 83 -0.13 -15.30 -26.08
N SER B 84 0.18 -16.12 -27.08
CA SER B 84 0.93 -15.67 -28.24
C SER B 84 0.35 -16.32 -29.48
N SER B 85 0.64 -15.72 -30.63
CA SER B 85 0.08 -16.13 -31.92
C SER B 85 -1.44 -16.22 -31.85
N LEU B 86 -2.05 -15.14 -31.38
CA LEU B 86 -3.49 -15.15 -31.12
C LEU B 86 -4.27 -15.21 -32.42
N THR B 87 -5.38 -15.94 -32.40
CA THR B 87 -6.25 -16.14 -33.54
C THR B 87 -7.58 -15.42 -33.25
N SER B 88 -8.35 -15.19 -34.31
CA SER B 88 -9.67 -14.57 -34.14
C SER B 88 -10.58 -15.39 -33.21
N GLU B 89 -10.29 -16.69 -33.05
CA GLU B 89 -11.04 -17.51 -32.12
C GLU B 89 -10.64 -17.24 -30.67
N ASP B 90 -9.36 -16.93 -30.44
CA ASP B 90 -8.84 -16.78 -29.08
C ASP B 90 -9.54 -15.67 -28.31
N SER B 91 -10.26 -14.78 -28.97
CA SER B 91 -11.07 -13.80 -28.25
C SER B 91 -12.01 -14.52 -27.31
N ALA B 92 -11.83 -14.31 -26.01
CA ALA B 92 -12.56 -15.08 -25.00
C ALA B 92 -12.35 -14.47 -23.64
N VAL B 93 -13.02 -15.03 -22.64
CA VAL B 93 -12.85 -14.66 -21.25
C VAL B 93 -11.96 -15.70 -20.59
N TYR B 94 -11.04 -15.24 -19.75
CA TYR B 94 -10.07 -16.10 -19.10
C TYR B 94 -10.19 -15.94 -17.60
N PHE B 95 -10.31 -17.07 -16.89
CA PHE B 95 -10.45 -17.09 -15.44
C PHE B 95 -9.24 -17.79 -14.85
N CYS B 96 -8.78 -17.30 -13.70
CA CYS B 96 -7.82 -17.98 -12.87
C CYS B 96 -8.55 -18.42 -11.61
N VAL B 97 -8.35 -19.67 -11.20
CA VAL B 97 -9.11 -20.25 -10.10
C VAL B 97 -8.18 -20.96 -9.14
N ARG B 98 -8.54 -20.88 -7.86
CA ARG B 98 -7.90 -21.63 -6.80
C ARG B 98 -8.93 -22.55 -6.17
N ARG B 99 -8.59 -23.82 -6.06
CA ARG B 99 -9.53 -24.84 -5.65
C ARG B 99 -9.63 -24.90 -4.12
N TYR B 100 -10.70 -25.54 -3.65
CA TYR B 100 -10.98 -25.69 -2.23
C TYR B 100 -9.98 -26.65 -1.60
N ASP B 101 -9.93 -26.65 -0.26
CA ASP B 101 -9.11 -27.63 0.43
C ASP B 101 -9.48 -29.07 0.04
N TYR B 102 -10.66 -29.26 -0.54
CA TYR B 102 -11.07 -30.50 -1.17
C TYR B 102 -11.33 -30.20 -2.65
N ASP B 103 -11.54 -31.26 -3.44
CA ASP B 103 -11.15 -31.24 -4.85
C ASP B 103 -11.73 -30.05 -5.63
N GLY B 104 -12.98 -29.67 -5.36
CA GLY B 104 -13.66 -28.69 -6.20
C GLY B 104 -12.99 -27.34 -6.40
N PHE B 105 -13.33 -26.65 -7.50
CA PHE B 105 -12.82 -25.31 -7.78
C PHE B 105 -13.67 -24.31 -7.00
N ALA B 106 -13.17 -23.86 -5.85
CA ALA B 106 -13.95 -23.01 -4.97
C ALA B 106 -13.90 -21.52 -5.31
N PHE B 107 -12.72 -20.99 -5.65
CA PHE B 107 -12.55 -19.55 -5.79
C PHE B 107 -12.22 -19.23 -7.24
N TRP B 108 -13.16 -18.57 -7.92
CA TRP B 108 -13.00 -18.16 -9.30
C TRP B 108 -12.69 -16.68 -9.39
N GLY B 109 -11.76 -16.33 -10.28
CA GLY B 109 -11.57 -14.95 -10.63
C GLY B 109 -12.77 -14.39 -11.38
N LEU B 110 -12.86 -13.06 -11.39
CA LEU B 110 -13.98 -12.41 -12.06
C LEU B 110 -13.93 -12.60 -13.57
N GLY B 111 -12.74 -12.74 -14.14
CA GLY B 111 -12.62 -12.92 -15.57
C GLY B 111 -11.93 -11.73 -16.23
N THR B 112 -11.00 -12.04 -17.13
CA THR B 112 -10.36 -11.03 -17.98
C THR B 112 -10.75 -11.31 -19.42
N LEU B 113 -11.35 -10.32 -20.07
CA LEU B 113 -11.90 -10.46 -21.41
C LEU B 113 -10.87 -9.97 -22.43
N VAL B 114 -10.37 -10.89 -23.26
CA VAL B 114 -9.35 -10.58 -24.25
C VAL B 114 -9.99 -10.65 -25.63
N THR B 115 -10.02 -9.50 -26.31
CA THR B 115 -10.61 -9.36 -27.63
C THR B 115 -9.49 -9.24 -28.65
N VAL B 116 -9.37 -10.23 -29.53
CA VAL B 116 -8.44 -10.18 -30.64
C VAL B 116 -9.15 -9.48 -31.80
N SER B 117 -8.78 -8.22 -32.05
CA SER B 117 -9.48 -7.43 -33.05
C SER B 117 -8.55 -6.36 -33.60
N ALA B 118 -8.73 -6.06 -34.88
CA ALA B 118 -8.04 -4.94 -35.48
C ALA B 118 -8.62 -3.61 -35.02
N ALA B 119 -9.94 -3.55 -34.82
CA ALA B 119 -10.61 -2.29 -34.55
C ALA B 119 -10.08 -1.64 -33.29
N LYS B 120 -10.15 -0.31 -33.25
CA LYS B 120 -9.53 0.50 -32.21
C LYS B 120 -10.51 0.78 -31.06
N THR B 121 -9.96 1.32 -29.97
CA THR B 121 -10.76 1.68 -28.80
C THR B 121 -11.65 2.88 -29.14
N THR B 122 -12.96 2.64 -29.20
CA THR B 122 -13.93 3.70 -29.42
C THR B 122 -14.74 3.89 -28.16
N PRO B 123 -14.68 5.06 -27.51
CA PRO B 123 -15.53 5.32 -26.36
C PRO B 123 -17.00 5.32 -26.75
N PRO B 124 -17.90 5.07 -25.82
CA PRO B 124 -19.32 4.98 -26.15
C PRO B 124 -19.95 6.37 -26.26
N SER B 125 -21.21 6.37 -26.64
CA SER B 125 -22.07 7.53 -26.49
C SER B 125 -23.33 7.07 -25.77
N VAL B 126 -23.73 7.81 -24.74
CA VAL B 126 -24.85 7.43 -23.88
C VAL B 126 -25.98 8.43 -24.11
N TYR B 127 -27.14 7.91 -24.49
CA TYR B 127 -28.34 8.67 -24.77
C TYR B 127 -29.47 8.23 -23.86
N PRO B 128 -30.21 9.17 -23.28
CA PRO B 128 -31.34 8.79 -22.42
C PRO B 128 -32.53 8.33 -23.25
N LEU B 129 -33.40 7.55 -22.59
CA LEU B 129 -34.64 7.07 -23.20
C LEU B 129 -35.76 7.30 -22.18
N ALA B 130 -36.54 8.36 -22.43
CA ALA B 130 -37.72 8.71 -21.66
C ALA B 130 -38.90 8.81 -22.61
N PRO B 131 -40.09 8.45 -22.16
CA PRO B 131 -41.24 8.42 -23.07
C PRO B 131 -41.75 9.81 -23.39
N GLY B 132 -42.45 9.90 -24.51
CA GLY B 132 -43.20 11.07 -24.88
C GLY B 132 -44.58 11.05 -24.26
N SER B 133 -45.45 11.88 -24.80
CA SER B 133 -46.83 11.94 -24.32
C SER B 133 -47.59 10.70 -24.76
N ALA B 134 -47.88 9.81 -23.82
CA ALA B 134 -48.58 8.56 -24.10
C ALA B 134 -49.17 8.02 -22.80
N ALA B 135 -49.87 6.89 -22.91
CA ALA B 135 -50.67 6.34 -21.82
C ALA B 135 -49.82 6.06 -20.58
N GLN B 136 -50.16 6.73 -19.47
CA GLN B 136 -49.32 6.77 -18.28
C GLN B 136 -49.87 5.98 -17.10
N THR B 137 -51.10 5.48 -17.18
CA THR B 137 -51.73 4.79 -16.04
C THR B 137 -51.34 3.32 -15.92
N ASN B 138 -50.47 2.81 -16.80
CA ASN B 138 -50.06 1.42 -16.75
C ASN B 138 -49.24 1.08 -15.53
N SER B 139 -49.84 1.15 -14.33
CA SER B 139 -49.14 0.83 -13.09
C SER B 139 -47.81 1.57 -13.02
N MET B 140 -46.71 0.85 -13.23
CA MET B 140 -45.37 1.42 -13.20
C MET B 140 -44.97 1.96 -14.57
N VAL B 141 -44.06 2.94 -14.55
CA VAL B 141 -43.46 3.46 -15.76
C VAL B 141 -42.12 2.77 -15.98
N THR B 142 -41.59 2.90 -17.19
CA THR B 142 -40.29 2.35 -17.55
C THR B 142 -39.44 3.44 -18.22
N LEU B 143 -38.16 3.45 -17.88
CA LEU B 143 -37.19 4.37 -18.47
C LEU B 143 -35.97 3.56 -18.93
N GLY B 144 -35.04 4.22 -19.64
CA GLY B 144 -33.88 3.45 -20.07
C GLY B 144 -32.74 4.32 -20.55
N CYS B 145 -31.65 3.64 -20.90
CA CYS B 145 -30.46 4.27 -21.48
C CYS B 145 -29.95 3.44 -22.65
N LEU B 146 -29.37 4.13 -23.63
CA LEU B 146 -28.74 3.50 -24.77
C LEU B 146 -27.26 3.87 -24.79
N VAL B 147 -26.41 2.90 -25.08
CA VAL B 147 -24.96 3.08 -25.10
C VAL B 147 -24.49 2.63 -26.47
N LYS B 148 -24.18 3.57 -27.35
CA LYS B 148 -23.94 3.27 -28.75
C LYS B 148 -22.55 3.70 -29.16
N GLY B 149 -21.88 2.86 -29.95
CA GLY B 149 -20.59 3.20 -30.51
C GLY B 149 -19.39 2.84 -29.65
N TYR B 150 -19.53 1.89 -28.74
CA TYR B 150 -18.43 1.52 -27.85
C TYR B 150 -17.68 0.32 -28.38
N PHE B 151 -16.36 0.31 -28.16
CA PHE B 151 -15.50 -0.79 -28.56
C PHE B 151 -14.24 -0.78 -27.69
N PRO B 152 -13.79 -1.94 -27.20
CA PRO B 152 -14.51 -3.22 -27.32
C PRO B 152 -15.28 -3.55 -26.05
N GLU B 153 -15.97 -4.68 -26.01
CA GLU B 153 -16.63 -5.10 -24.78
C GLU B 153 -15.59 -5.31 -23.67
N PRO B 154 -15.98 -5.17 -22.40
CA PRO B 154 -17.34 -4.93 -21.92
C PRO B 154 -17.62 -3.53 -21.39
N VAL B 155 -18.88 -3.29 -21.06
CA VAL B 155 -19.33 -2.06 -20.41
C VAL B 155 -20.05 -2.43 -19.12
N THR B 156 -19.62 -1.85 -18.02
CA THR B 156 -20.31 -2.05 -16.75
C THR B 156 -21.47 -1.08 -16.67
N VAL B 157 -22.65 -1.58 -16.36
CA VAL B 157 -23.88 -0.79 -16.36
C VAL B 157 -24.53 -0.89 -14.99
N THR B 158 -24.88 0.25 -14.40
CA THR B 158 -25.62 0.26 -13.14
C THR B 158 -26.70 1.34 -13.21
N TRP B 159 -27.63 1.28 -12.25
CA TRP B 159 -28.78 2.17 -12.18
C TRP B 159 -28.81 2.83 -10.81
N ASN B 160 -28.75 4.17 -10.79
CA ASN B 160 -28.72 4.93 -9.54
C ASN B 160 -27.57 4.49 -8.64
N SER B 161 -26.44 4.14 -9.26
CA SER B 161 -25.25 3.64 -8.56
C SER B 161 -25.58 2.39 -7.73
N GLY B 162 -26.53 1.58 -8.19
CA GLY B 162 -26.84 0.32 -7.55
C GLY B 162 -28.14 0.29 -6.77
N SER B 163 -28.86 1.40 -6.67
CA SER B 163 -30.08 1.43 -5.87
C SER B 163 -31.17 0.56 -6.47
N LEU B 164 -31.33 0.60 -7.79
CA LEU B 164 -32.38 -0.14 -8.48
C LEU B 164 -31.85 -1.51 -8.87
N SER B 165 -32.35 -2.56 -8.21
CA SER B 165 -31.96 -3.92 -8.52
C SER B 165 -33.07 -4.70 -9.22
N SER B 166 -34.26 -4.77 -8.62
CA SER B 166 -35.38 -5.46 -9.25
C SER B 166 -35.81 -4.75 -10.53
N GLY B 167 -36.40 -5.53 -11.43
CA GLY B 167 -37.00 -4.98 -12.64
C GLY B 167 -36.04 -4.26 -13.57
N VAL B 168 -34.74 -4.53 -13.44
CA VAL B 168 -33.72 -3.93 -14.30
C VAL B 168 -33.28 -4.97 -15.32
N HIS B 169 -33.36 -4.60 -16.60
CA HIS B 169 -32.96 -5.48 -17.69
C HIS B 169 -31.80 -4.84 -18.44
N THR B 170 -30.62 -5.47 -18.36
CA THR B 170 -29.44 -5.06 -19.10
C THR B 170 -29.27 -6.04 -20.25
N PHE B 171 -29.51 -5.57 -21.48
CA PHE B 171 -29.45 -6.48 -22.61
C PHE B 171 -28.02 -6.60 -23.13
N PRO B 172 -27.62 -7.80 -23.58
CA PRO B 172 -26.24 -7.96 -24.08
C PRO B 172 -26.07 -7.29 -25.44
N ALA B 173 -24.99 -6.52 -25.58
CA ALA B 173 -24.76 -5.77 -26.80
C ALA B 173 -24.53 -6.71 -27.99
N VAL B 174 -24.62 -6.14 -29.19
CA VAL B 174 -24.41 -6.86 -30.44
C VAL B 174 -23.52 -6.01 -31.33
N LEU B 175 -22.71 -6.68 -32.15
CA LEU B 175 -21.76 -6.02 -33.03
C LEU B 175 -22.44 -5.68 -34.35
N GLN B 176 -22.20 -4.46 -34.85
CA GLN B 176 -22.83 -3.98 -36.07
C GLN B 176 -21.72 -3.73 -37.09
N SER B 177 -21.54 -2.50 -37.54
CA SER B 177 -20.50 -2.16 -38.51
C SER B 177 -19.17 -2.10 -37.77
N ASP B 178 -18.72 -3.29 -37.33
CA ASP B 178 -17.56 -3.44 -36.46
C ASP B 178 -17.63 -2.47 -35.30
N LEU B 179 -18.83 -2.29 -34.75
CA LEU B 179 -19.05 -1.49 -33.55
C LEU B 179 -20.17 -2.12 -32.73
N TYR B 180 -20.09 -1.92 -31.41
CA TYR B 180 -21.03 -2.53 -30.48
C TYR B 180 -22.06 -1.49 -30.04
N THR B 181 -23.25 -1.97 -29.69
CA THR B 181 -24.33 -1.10 -29.22
C THR B 181 -25.18 -1.87 -28.22
N LEU B 182 -25.55 -1.20 -27.12
CA LEU B 182 -26.18 -1.84 -25.97
C LEU B 182 -27.29 -0.94 -25.44
N SER B 183 -28.21 -1.54 -24.69
CA SER B 183 -29.35 -0.80 -24.14
C SER B 183 -29.80 -1.44 -22.83
N SER B 184 -30.36 -0.62 -21.95
CA SER B 184 -30.85 -1.12 -20.66
C SER B 184 -32.10 -0.34 -20.25
N SER B 185 -32.95 -1.01 -19.47
CA SER B 185 -34.24 -0.46 -19.04
C SER B 185 -34.45 -0.73 -17.55
N VAL B 186 -35.27 0.11 -16.92
CA VAL B 186 -35.71 -0.09 -15.55
C VAL B 186 -37.18 0.28 -15.43
N THR B 187 -37.95 -0.55 -14.73
CA THR B 187 -39.37 -0.32 -14.49
C THR B 187 -39.58 0.02 -13.02
N VAL B 188 -40.07 1.23 -12.77
CA VAL B 188 -40.30 1.71 -11.40
C VAL B 188 -41.73 2.23 -11.30
N PRO B 189 -42.32 2.22 -10.10
CA PRO B 189 -43.70 2.70 -9.96
C PRO B 189 -43.87 4.12 -10.45
N SER B 190 -45.07 4.39 -10.99
CA SER B 190 -45.34 5.69 -11.60
C SER B 190 -45.28 6.81 -10.57
N SER B 191 -45.76 6.54 -9.35
CA SER B 191 -45.80 7.58 -8.31
C SER B 191 -44.40 8.12 -8.00
N THR B 192 -43.38 7.27 -8.09
CA THR B 192 -42.03 7.72 -7.77
C THR B 192 -41.45 8.63 -8.84
N TRP B 193 -41.90 8.48 -10.09
CA TRP B 193 -41.34 9.23 -11.22
C TRP B 193 -42.22 10.42 -11.56
N PRO B 194 -41.66 11.62 -11.69
CA PRO B 194 -40.23 11.88 -11.50
C PRO B 194 -39.87 12.53 -10.17
N SER B 195 -40.57 12.17 -9.09
CA SER B 195 -40.22 12.68 -7.77
C SER B 195 -38.86 12.16 -7.33
N GLN B 196 -38.68 10.84 -7.35
CA GLN B 196 -37.39 10.22 -7.08
C GLN B 196 -36.64 10.04 -8.40
N THR B 197 -35.48 10.68 -8.51
CA THR B 197 -34.74 10.72 -9.76
C THR B 197 -34.28 9.33 -10.17
N VAL B 198 -33.98 9.19 -11.46
CA VAL B 198 -33.49 7.94 -12.05
C VAL B 198 -32.27 8.27 -12.90
N THR B 199 -31.14 7.63 -12.62
CA THR B 199 -29.88 7.88 -13.28
C THR B 199 -29.22 6.57 -13.68
N CYS B 200 -28.64 6.52 -14.87
CA CYS B 200 -27.88 5.35 -15.31
C CYS B 200 -26.39 5.68 -15.34
N ASN B 201 -25.59 4.71 -14.93
CA ASN B 201 -24.13 4.86 -14.83
C ASN B 201 -23.50 3.88 -15.81
N VAL B 202 -22.67 4.40 -16.71
CA VAL B 202 -22.00 3.61 -17.73
C VAL B 202 -20.51 3.69 -17.49
N ALA B 203 -19.84 2.54 -17.44
CA ALA B 203 -18.40 2.48 -17.29
C ALA B 203 -17.81 1.72 -18.47
N HIS B 204 -16.86 2.34 -19.15
CA HIS B 204 -16.11 1.67 -20.22
C HIS B 204 -14.66 1.63 -19.76
N PRO B 205 -14.15 0.44 -19.39
CA PRO B 205 -12.77 0.38 -18.88
C PRO B 205 -11.73 0.69 -19.94
N ALA B 206 -11.96 0.31 -21.21
CA ALA B 206 -10.95 0.50 -22.23
C ALA B 206 -10.71 1.99 -22.49
N SER B 207 -11.77 2.76 -22.69
CA SER B 207 -11.65 4.20 -22.84
C SER B 207 -11.47 4.92 -21.51
N SER B 208 -11.53 4.19 -20.39
CA SER B 208 -11.46 4.77 -19.05
C SER B 208 -12.51 5.87 -18.87
N THR B 209 -13.71 5.62 -19.37
CA THR B 209 -14.74 6.64 -19.43
C THR B 209 -15.99 6.16 -18.72
N LYS B 210 -16.36 6.85 -17.64
CA LYS B 210 -17.58 6.56 -16.90
C LYS B 210 -18.46 7.81 -16.95
N VAL B 211 -19.66 7.65 -17.51
CA VAL B 211 -20.59 8.75 -17.70
C VAL B 211 -21.89 8.43 -16.98
N ASP B 212 -22.41 9.43 -16.26
CA ASP B 212 -23.70 9.34 -15.59
C ASP B 212 -24.72 10.13 -16.39
N LYS B 213 -25.77 9.45 -16.83
CA LYS B 213 -26.83 10.06 -17.62
C LYS B 213 -28.11 10.12 -16.79
N LYS B 214 -28.63 11.33 -16.58
CA LYS B 214 -29.90 11.52 -15.90
C LYS B 214 -31.02 11.50 -16.92
N ILE B 215 -32.10 10.80 -16.59
CA ILE B 215 -33.27 10.72 -17.46
C ILE B 215 -34.22 11.84 -17.09
N VAL B 216 -34.64 12.63 -18.07
CA VAL B 216 -35.52 13.75 -17.82
C VAL B 216 -36.82 13.53 -18.57
N PRO B 217 -37.95 14.01 -18.04
CA PRO B 217 -39.20 13.93 -18.79
C PRO B 217 -39.11 14.87 -19.98
N ARG B 218 -39.64 14.41 -21.11
CA ARG B 218 -39.54 15.21 -22.33
C ARG B 218 -40.27 16.53 -22.12
N ASP B 219 -39.57 17.63 -22.31
CA ASP B 219 -40.16 18.95 -22.20
C ASP B 219 -40.68 19.31 -23.58
N CYS B 220 -42.00 19.25 -23.72
CA CYS B 220 -42.60 19.43 -25.04
C CYS B 220 -42.28 20.78 -25.65
N LEU B 221 -42.07 21.80 -24.83
CA LEU B 221 -41.73 23.11 -25.37
C LEU B 221 -40.33 23.14 -25.95
N GLU B 222 -39.39 22.38 -25.37
CA GLU B 222 -38.07 22.26 -25.98
C GLU B 222 -38.13 21.62 -27.36
N VAL B 223 -39.10 20.73 -27.58
CA VAL B 223 -39.27 20.12 -28.90
C VAL B 223 -39.63 21.18 -29.93
N LEU B 224 -40.58 22.05 -29.60
CA LEU B 224 -40.92 23.16 -30.48
C LEU B 224 -39.79 24.17 -30.57
N PHE B 225 -39.13 24.45 -29.44
CA PHE B 225 -38.02 25.40 -29.43
C PHE B 225 -36.84 24.91 -30.26
N GLN B 226 -36.49 23.63 -30.14
CA GLN B 226 -35.39 23.05 -30.90
C GLN B 226 -35.69 23.06 -32.38
N THR C 1 24.46 -20.86 8.87
CA THR C 1 23.22 -21.42 8.35
C THR C 1 22.75 -22.60 9.20
N PHE C 2 23.71 -23.41 9.65
CA PHE C 2 23.47 -24.54 10.55
C PHE C 2 22.35 -25.45 10.04
N ARG C 3 21.15 -25.28 10.59
CA ARG C 3 20.00 -26.05 10.13
C ARG C 3 19.76 -25.87 8.64
N GLN C 4 19.84 -24.64 8.13
CA GLN C 4 19.44 -24.37 6.75
C GLN C 4 20.33 -25.12 5.75
N GLN C 5 21.65 -25.07 5.94
CA GLN C 5 22.53 -25.85 5.08
C GLN C 5 22.26 -27.34 5.22
N THR C 6 21.81 -27.77 6.40
CA THR C 6 21.44 -29.17 6.60
C THR C 6 20.22 -29.53 5.77
N ILE C 7 19.19 -28.69 5.80
CA ILE C 7 18.01 -28.90 4.96
C ILE C 7 18.41 -28.95 3.50
N ASP C 8 19.30 -28.05 3.07
CA ASP C 8 19.77 -28.06 1.69
C ASP C 8 20.43 -29.38 1.35
N PHE C 9 21.34 -29.85 2.21
CA PHE C 9 22.00 -31.13 2.02
C PHE C 9 21.00 -32.28 1.89
N LEU C 10 20.08 -32.39 2.86
CA LEU C 10 19.12 -33.49 2.86
C LEU C 10 18.22 -33.46 1.63
N ASN C 11 17.67 -32.28 1.31
CA ASN C 11 16.82 -32.16 0.13
C ASN C 11 17.57 -32.55 -1.13
N ASP C 12 18.82 -32.09 -1.26
CA ASP C 12 19.60 -32.40 -2.45
C ASP C 12 19.84 -33.90 -2.57
N ASN C 13 20.19 -34.55 -1.46
CA ASN C 13 20.50 -35.98 -1.52
C ASN C 13 19.25 -36.80 -1.82
N ILE C 14 18.10 -36.43 -1.25
CA ILE C 14 16.92 -37.25 -1.50
C ILE C 14 16.31 -36.95 -2.87
N ARG C 15 16.47 -35.74 -3.39
CA ARG C 15 16.08 -35.50 -4.78
C ARG C 15 16.96 -36.28 -5.75
N ARG C 16 18.28 -36.31 -5.48
CA ARG C 16 19.17 -37.13 -6.29
C ARG C 16 18.75 -38.59 -6.25
N GLY C 17 18.48 -39.11 -5.05
CA GLY C 17 18.04 -40.49 -4.95
C GLY C 17 16.73 -40.75 -5.67
N ILE C 18 15.78 -39.82 -5.58
CA ILE C 18 14.51 -39.98 -6.27
C ILE C 18 14.73 -40.06 -7.77
N GLU C 19 15.59 -39.20 -8.31
CA GLU C 19 15.83 -39.21 -9.74
C GLU C 19 16.41 -40.54 -10.21
N ASN C 20 17.15 -41.24 -9.34
CA ASN C 20 17.66 -42.57 -9.61
C ASN C 20 17.01 -43.63 -8.71
N TYR C 21 15.75 -43.40 -8.34
CA TYR C 21 15.05 -44.25 -7.37
C TYR C 21 15.07 -45.73 -7.75
N TYR C 22 14.95 -46.04 -9.04
CA TYR C 22 14.79 -47.42 -9.45
C TYR C 22 16.11 -48.09 -9.83
N ASP C 23 17.24 -47.38 -9.73
CA ASP C 23 18.57 -47.97 -9.94
C ASP C 23 19.30 -48.32 -8.66
N ASP C 24 18.78 -47.94 -7.49
CA ASP C 24 19.55 -48.04 -6.24
C ASP C 24 18.76 -48.83 -5.21
N LEU C 25 19.07 -50.12 -5.04
CA LEU C 25 18.50 -50.90 -3.95
C LEU C 25 18.74 -50.24 -2.60
N ASP C 26 19.97 -49.75 -2.38
CA ASP C 26 20.27 -49.12 -1.10
C ASP C 26 19.34 -47.94 -0.86
N PHE C 27 19.35 -46.97 -1.77
CA PHE C 27 18.48 -45.81 -1.59
C PHE C 27 17.01 -46.18 -1.67
N LYS C 28 16.64 -47.12 -2.55
CA LYS C 28 15.23 -47.50 -2.64
C LYS C 28 14.72 -47.96 -1.29
N ASN C 29 15.40 -48.95 -0.70
CA ASN C 29 14.96 -49.45 0.59
C ASN C 29 15.11 -48.39 1.69
N ILE C 30 16.10 -47.50 1.57
CA ILE C 30 16.25 -46.46 2.59
C ILE C 30 15.05 -45.53 2.57
N MET C 31 14.70 -45.05 1.39
CA MET C 31 13.59 -44.12 1.25
C MET C 31 12.28 -44.80 1.64
N ASP C 32 12.07 -46.03 1.18
CA ASP C 32 10.87 -46.78 1.54
C ASP C 32 10.73 -46.88 3.05
N PHE C 33 11.81 -47.28 3.72
CA PHE C 33 11.74 -47.43 5.17
C PHE C 33 11.48 -46.10 5.86
N VAL C 34 12.21 -45.05 5.45
CA VAL C 34 12.04 -43.75 6.08
C VAL C 34 10.60 -43.27 5.95
N GLN C 35 10.04 -43.37 4.75
CA GLN C 35 8.67 -42.92 4.53
C GLN C 35 7.68 -43.73 5.35
N LYS C 36 7.82 -45.06 5.35
CA LYS C 36 6.90 -45.89 6.12
C LYS C 36 7.05 -45.65 7.62
N LYS C 37 8.25 -45.28 8.08
CA LYS C 37 8.49 -45.06 9.50
C LYS C 37 7.99 -43.70 9.94
N PHE C 38 8.54 -42.63 9.38
CA PHE C 38 8.20 -41.27 9.82
C PHE C 38 6.87 -40.78 9.26
N LYS C 39 6.14 -41.63 8.55
CA LYS C 39 4.87 -41.24 7.94
C LYS C 39 5.03 -39.93 7.18
N CYS C 40 5.94 -39.96 6.21
CA CYS C 40 6.34 -38.78 5.46
C CYS C 40 6.59 -39.17 4.02
N CYS C 41 7.00 -38.19 3.21
CA CYS C 41 7.17 -38.43 1.79
C CYS C 41 7.91 -37.26 1.12
N GLY C 42 9.16 -37.49 0.71
CA GLY C 42 9.91 -36.49 -0.03
C GLY C 42 10.66 -35.50 0.85
N GLY C 43 11.00 -34.35 0.24
CA GLY C 43 11.72 -33.30 0.92
C GLY C 43 10.86 -32.23 1.55
N GLU C 44 10.49 -31.22 0.77
CA GLU C 44 9.58 -30.19 1.29
C GLU C 44 8.19 -30.77 1.49
N ASP C 45 7.75 -31.59 0.54
CA ASP C 45 6.52 -32.37 0.66
C ASP C 45 6.58 -33.48 -0.38
N TYR C 46 5.49 -34.24 -0.49
CA TYR C 46 5.46 -35.38 -1.40
C TYR C 46 5.60 -34.96 -2.87
N ARG C 47 5.32 -33.70 -3.19
CA ARG C 47 5.44 -33.20 -4.55
C ARG C 47 6.80 -33.53 -5.17
N ASP C 48 7.84 -33.70 -4.33
CA ASP C 48 9.17 -33.98 -4.86
C ASP C 48 9.20 -35.22 -5.75
N TRP C 49 8.32 -36.19 -5.49
CA TRP C 49 8.32 -37.39 -6.34
C TRP C 49 8.01 -37.07 -7.80
N SER C 50 7.66 -35.83 -8.11
CA SER C 50 7.46 -35.41 -9.49
C SER C 50 8.75 -35.35 -10.28
N LYS C 51 9.91 -35.32 -9.62
CA LYS C 51 11.16 -35.23 -10.37
C LYS C 51 11.72 -36.60 -10.74
N ASN C 52 11.02 -37.69 -10.43
CA ASN C 52 11.41 -38.98 -10.95
C ASN C 52 10.82 -39.16 -12.33
N GLN C 53 11.64 -39.65 -13.27
CA GLN C 53 11.21 -39.78 -14.66
C GLN C 53 9.92 -40.58 -14.80
N TYR C 54 9.67 -41.51 -13.89
CA TYR C 54 8.45 -42.31 -14.01
C TYR C 54 7.25 -41.62 -13.36
N HIS C 55 7.47 -40.81 -12.32
CA HIS C 55 6.39 -40.21 -11.56
C HIS C 55 6.15 -38.75 -11.90
N ASP C 56 6.84 -38.21 -12.92
CA ASP C 56 6.62 -36.84 -13.33
C ASP C 56 5.18 -36.66 -13.82
N CYS C 57 4.62 -35.49 -13.54
CA CYS C 57 3.20 -35.29 -13.83
C CYS C 57 2.91 -35.14 -15.33
N SER C 58 3.94 -35.08 -16.18
CA SER C 58 3.76 -35.12 -17.63
C SER C 58 4.29 -36.41 -18.25
N ALA C 59 4.42 -37.47 -17.45
CA ALA C 59 4.92 -38.75 -17.92
C ALA C 59 3.84 -39.48 -18.71
N PRO C 60 4.23 -40.47 -19.53
CA PRO C 60 3.22 -41.20 -20.32
C PRO C 60 2.42 -42.22 -19.51
N GLY C 61 3.09 -43.00 -18.67
CA GLY C 61 2.48 -44.15 -18.06
C GLY C 61 1.53 -43.84 -16.92
N PRO C 62 1.09 -44.88 -16.21
CA PRO C 62 0.20 -44.67 -15.07
C PRO C 62 0.91 -44.27 -13.79
N LEU C 63 2.20 -44.61 -13.64
CA LEU C 63 2.99 -44.09 -12.52
C LEU C 63 3.15 -42.58 -12.58
N ALA C 64 2.80 -41.96 -13.71
CA ALA C 64 2.84 -40.52 -13.85
C ALA C 64 2.07 -39.82 -12.73
N CYS C 65 2.69 -38.78 -12.18
CA CYS C 65 2.07 -37.83 -11.25
C CYS C 65 1.51 -38.51 -10.01
N GLY C 66 1.92 -39.75 -9.77
CA GLY C 66 1.60 -40.46 -8.55
C GLY C 66 2.80 -40.59 -7.64
N VAL C 67 2.60 -41.33 -6.57
CA VAL C 67 3.65 -41.45 -5.55
C VAL C 67 3.79 -42.92 -5.18
N PRO C 68 5.01 -43.45 -5.03
CA PRO C 68 5.17 -44.87 -4.70
C PRO C 68 4.41 -45.25 -3.44
N TYR C 69 3.97 -46.51 -3.41
CA TYR C 69 3.03 -46.99 -2.40
C TYR C 69 3.56 -46.89 -0.98
N THR C 70 4.86 -46.66 -0.79
CA THR C 70 5.39 -46.50 0.56
C THR C 70 5.01 -45.17 1.20
N CYS C 71 4.38 -44.26 0.45
CA CYS C 71 3.90 -43.00 1.03
C CYS C 71 2.44 -43.06 1.48
N CYS C 72 1.71 -44.13 1.16
CA CYS C 72 0.35 -44.29 1.65
C CYS C 72 0.35 -44.57 3.14
N ILE C 73 -0.81 -44.38 3.78
CA ILE C 73 -0.91 -44.69 5.20
C ILE C 73 -0.77 -46.20 5.33
N ARG C 74 0.48 -46.66 5.52
CA ARG C 74 0.75 -48.09 5.63
C ARG C 74 0.32 -48.67 6.96
N ASP C 75 0.16 -47.86 7.99
CA ASP C 75 -0.18 -48.39 9.31
C ASP C 75 -1.71 -48.55 9.38
N THR C 76 -2.18 -49.54 8.62
CA THR C 76 -3.56 -49.99 8.66
C THR C 76 -3.54 -51.51 8.61
N THR C 77 -4.65 -52.12 9.03
CA THR C 77 -4.74 -53.57 8.91
C THR C 77 -4.92 -54.04 7.47
N GLU C 78 -4.96 -53.12 6.51
CA GLU C 78 -5.15 -53.47 5.12
C GLU C 78 -3.88 -54.01 4.50
N VAL C 79 -4.03 -54.69 3.36
CA VAL C 79 -2.93 -55.30 2.63
C VAL C 79 -2.31 -54.20 1.77
N VAL C 80 -1.21 -54.51 1.10
CA VAL C 80 -0.51 -53.52 0.29
C VAL C 80 -1.24 -53.36 -1.03
N ASN C 81 -1.66 -52.13 -1.31
CA ASN C 81 -2.11 -51.71 -2.62
C ASN C 81 -0.97 -50.94 -3.28
N THR C 82 -0.46 -51.46 -4.38
CA THR C 82 0.67 -50.82 -5.04
C THR C 82 0.27 -49.49 -5.66
N MET C 83 -0.97 -49.37 -6.11
CA MET C 83 -1.46 -48.19 -6.82
C MET C 83 -2.08 -47.15 -5.90
N CYS C 84 -1.90 -47.27 -4.59
CA CYS C 84 -2.60 -46.38 -3.66
C CYS C 84 -2.17 -44.93 -3.85
N GLY C 85 -0.95 -44.70 -4.31
CA GLY C 85 -0.43 -43.35 -4.46
C GLY C 85 -0.67 -42.67 -5.80
N TYR C 86 -1.19 -43.39 -6.79
CA TYR C 86 -1.31 -42.83 -8.14
C TYR C 86 -2.17 -41.57 -8.15
N LYS C 87 -1.80 -40.64 -9.03
CA LYS C 87 -2.61 -39.46 -9.36
C LYS C 87 -3.01 -38.67 -8.12
N THR C 88 -2.01 -38.30 -7.32
CA THR C 88 -2.24 -37.55 -6.10
C THR C 88 -1.47 -36.24 -6.04
N ILE C 89 -0.55 -35.98 -6.98
CA ILE C 89 0.32 -34.81 -6.87
C ILE C 89 -0.37 -33.55 -7.40
N ASP C 90 -1.13 -33.67 -8.49
CA ASP C 90 -1.81 -32.51 -9.04
C ASP C 90 -2.85 -31.94 -8.08
N LYS C 91 -3.28 -32.73 -7.11
CA LYS C 91 -4.30 -32.35 -6.14
C LYS C 91 -3.63 -31.82 -4.88
N GLU C 92 -4.29 -30.86 -4.23
CA GLU C 92 -3.67 -30.22 -3.08
C GLU C 92 -3.83 -31.06 -1.83
N ARG C 93 -2.94 -30.81 -0.86
CA ARG C 93 -2.72 -31.70 0.28
C ARG C 93 -4.00 -32.28 0.85
N PHE C 94 -4.92 -31.40 1.26
CA PHE C 94 -6.02 -31.81 2.09
C PHE C 94 -6.96 -32.77 1.38
N SER C 95 -6.96 -32.76 0.04
CA SER C 95 -7.68 -33.79 -0.71
C SER C 95 -7.15 -35.18 -0.39
N VAL C 96 -5.82 -35.32 -0.30
CA VAL C 96 -5.18 -36.62 -0.25
C VAL C 96 -4.49 -36.90 1.07
N GLN C 97 -4.51 -35.95 2.02
CA GLN C 97 -3.87 -36.22 3.31
C GLN C 97 -4.54 -37.38 4.04
N ASP C 98 -5.78 -37.70 3.67
CA ASP C 98 -6.43 -38.92 4.15
C ASP C 98 -5.93 -40.16 3.44
N VAL C 99 -5.27 -40.00 2.30
CA VAL C 99 -4.86 -41.13 1.49
C VAL C 99 -3.35 -41.39 1.55
N ILE C 100 -2.53 -40.34 1.66
CA ILE C 100 -1.08 -40.48 1.73
C ILE C 100 -0.54 -39.48 2.74
N TYR C 101 0.67 -39.74 3.22
CA TYR C 101 1.36 -38.73 4.00
C TYR C 101 1.84 -37.61 3.07
N VAL C 102 1.63 -36.37 3.50
CA VAL C 102 1.89 -35.22 2.66
C VAL C 102 3.13 -34.44 3.10
N ARG C 103 3.43 -34.39 4.40
CA ARG C 103 4.63 -33.71 4.86
C ARG C 103 5.87 -34.34 4.27
N GLY C 104 6.88 -33.51 4.00
CA GLY C 104 8.15 -34.03 3.56
C GLY C 104 8.86 -34.80 4.65
N CYS C 105 9.88 -35.56 4.24
CA CYS C 105 10.62 -36.38 5.20
C CYS C 105 11.78 -35.65 5.84
N THR C 106 12.35 -34.65 5.16
CA THR C 106 13.49 -33.91 5.70
C THR C 106 13.20 -33.40 7.10
N ASN C 107 12.13 -32.61 7.24
CA ASN C 107 11.84 -31.97 8.52
C ASN C 107 11.51 -33.00 9.60
N ALA C 108 10.74 -34.04 9.26
CA ALA C 108 10.38 -35.04 10.26
C ALA C 108 11.61 -35.81 10.75
N VAL C 109 12.47 -36.22 9.81
CA VAL C 109 13.71 -36.90 10.19
C VAL C 109 14.55 -36.01 11.11
N ILE C 110 14.69 -34.74 10.75
CA ILE C 110 15.55 -33.85 11.53
C ILE C 110 14.97 -33.59 12.93
N ILE C 111 13.65 -33.41 13.03
CA ILE C 111 13.06 -33.16 14.35
C ILE C 111 13.20 -34.40 15.23
N TRP C 112 13.09 -35.59 14.63
CA TRP C 112 13.33 -36.81 15.40
C TRP C 112 14.78 -36.89 15.87
N PHE C 113 15.71 -36.62 14.95
CA PHE C 113 17.13 -36.67 15.30
C PHE C 113 17.46 -35.73 16.44
N MET C 114 16.82 -34.56 16.46
CA MET C 114 17.01 -33.63 17.57
C MET C 114 16.43 -34.19 18.85
N ASP C 115 15.11 -34.40 18.89
CA ASP C 115 14.45 -34.68 20.16
C ASP C 115 14.85 -36.03 20.77
N ASN C 116 15.51 -36.91 20.01
CA ASN C 116 15.97 -38.19 20.54
C ASN C 116 17.49 -38.27 20.66
N LEU C 117 18.14 -37.13 20.93
CA LEU C 117 19.59 -37.13 21.13
C LEU C 117 20.00 -37.34 22.58
N GLU C 118 19.09 -37.17 23.54
CA GLU C 118 19.45 -37.38 24.94
C GLU C 118 20.00 -38.78 25.16
N VAL C 119 19.40 -39.77 24.50
CA VAL C 119 19.90 -41.15 24.56
C VAL C 119 21.12 -41.36 23.68
N LEU C 120 21.29 -40.57 22.62
CA LEU C 120 22.41 -40.79 21.71
C LEU C 120 23.76 -40.54 22.37
N PHE C 121 23.83 -39.61 23.32
CA PHE C 121 25.06 -39.41 24.08
C PHE C 121 24.99 -40.23 25.36
N GLN C 122 26.05 -40.99 25.63
CA GLN C 122 26.13 -41.84 26.81
C GLN C 122 24.97 -42.86 26.84
N ASP D 1 27.50 -2.88 8.25
CA ASP D 1 26.85 -4.06 7.71
C ASP D 1 25.52 -4.35 8.41
N ILE D 2 25.21 -3.58 9.45
CA ILE D 2 24.01 -3.76 10.25
C ILE D 2 22.98 -2.74 9.79
N GLN D 3 21.98 -3.17 9.03
CA GLN D 3 20.95 -2.28 8.52
C GLN D 3 19.68 -2.43 9.35
N MET D 4 19.05 -1.30 9.66
CA MET D 4 17.83 -1.25 10.45
C MET D 4 16.63 -1.07 9.53
N GLN D 5 15.51 -1.70 9.88
CA GLN D 5 14.26 -1.53 9.13
C GLN D 5 13.14 -1.24 10.11
N GLN D 6 12.43 -0.13 9.91
CA GLN D 6 11.27 0.20 10.72
C GLN D 6 10.00 -0.15 9.96
N SER D 7 9.03 -0.75 10.66
CA SER D 7 7.91 -1.40 9.99
C SER D 7 6.87 -0.41 9.48
N PRO D 8 6.19 0.40 10.33
CA PRO D 8 5.18 1.30 9.77
C PRO D 8 5.79 2.43 8.95
N SER D 9 5.83 2.27 7.63
CA SER D 9 6.32 3.35 6.76
C SER D 9 5.55 4.64 7.01
N SER D 10 4.22 4.56 7.00
CA SER D 10 3.38 5.66 7.39
C SER D 10 2.22 5.09 8.20
N LEU D 11 2.08 5.54 9.45
CA LEU D 11 1.06 5.02 10.35
C LEU D 11 0.28 6.18 10.95
N SER D 12 -1.04 6.14 10.79
CA SER D 12 -1.94 7.07 11.42
C SER D 12 -2.96 6.30 12.22
N ALA D 13 -3.20 6.72 13.46
CA ALA D 13 -4.20 6.08 14.30
C ALA D 13 -4.84 7.11 15.21
N SER D 14 -5.95 6.71 15.82
CA SER D 14 -6.83 7.62 16.55
C SER D 14 -6.32 7.85 17.97
N LEU D 15 -6.82 8.92 18.58
CA LEU D 15 -6.43 9.26 19.95
C LEU D 15 -6.90 8.19 20.91
N GLY D 16 -6.29 8.19 22.11
CA GLY D 16 -6.61 7.21 23.13
C GLY D 16 -6.27 5.77 22.80
N ASP D 17 -5.97 5.51 21.52
CA ASP D 17 -5.69 4.17 21.07
C ASP D 17 -4.22 3.80 21.31
N THR D 18 -3.94 2.50 21.29
CA THR D 18 -2.60 1.97 21.51
C THR D 18 -2.01 1.52 20.18
N ILE D 19 -0.85 2.06 19.84
CA ILE D 19 -0.15 1.74 18.60
C ILE D 19 1.21 1.14 18.93
N THR D 20 1.84 0.57 17.91
CA THR D 20 3.12 -0.13 18.08
C THR D 20 3.95 0.02 16.81
N ILE D 21 5.25 0.26 16.99
CA ILE D 21 6.22 0.35 15.90
C ILE D 21 7.24 -0.78 16.08
N THR D 22 7.71 -1.33 14.97
CA THR D 22 8.68 -2.41 14.98
C THR D 22 9.99 -1.91 14.35
N CYS D 23 11.11 -2.41 14.88
CA CYS D 23 12.44 -2.12 14.38
C CYS D 23 13.18 -3.44 14.29
N HIS D 24 13.40 -3.91 13.07
CA HIS D 24 14.06 -5.19 12.83
C HIS D 24 15.50 -4.97 12.41
N ALA D 25 16.39 -5.78 12.97
CA ALA D 25 17.81 -5.72 12.71
C ALA D 25 18.21 -6.80 11.71
N SER D 26 19.38 -6.62 11.09
CA SER D 26 19.92 -7.64 10.21
C SER D 26 20.69 -8.69 10.99
N GLN D 27 21.29 -8.31 12.12
CA GLN D 27 22.14 -9.19 12.90
C GLN D 27 21.88 -8.98 14.38
N ASN D 28 22.22 -10.01 15.16
CA ASN D 28 22.08 -9.98 16.62
C ASN D 28 22.75 -8.75 17.23
N ILE D 29 21.98 -7.99 18.01
CA ILE D 29 22.51 -6.86 18.76
C ILE D 29 22.24 -7.01 20.26
N ASN D 30 22.01 -8.25 20.71
CA ASN D 30 21.62 -8.54 22.09
C ASN D 30 20.55 -7.56 22.57
N ALA D 31 20.87 -6.71 23.54
CA ALA D 31 19.93 -5.75 24.08
C ALA D 31 20.30 -4.31 23.75
N TRP D 32 21.33 -4.10 22.93
CA TRP D 32 21.87 -2.77 22.64
C TRP D 32 21.02 -2.11 21.55
N LEU D 33 20.01 -1.34 21.98
CA LEU D 33 19.13 -0.64 21.05
C LEU D 33 18.45 0.52 21.76
N SER D 34 18.16 1.57 20.99
CA SER D 34 17.60 2.79 21.52
C SER D 34 16.53 3.32 20.58
N TRP D 35 15.52 3.96 21.17
CA TRP D 35 14.45 4.64 20.44
C TRP D 35 14.50 6.13 20.76
N TYR D 36 14.34 6.96 19.73
CA TYR D 36 14.33 8.41 19.84
C TYR D 36 13.08 8.95 19.15
N GLN D 37 12.64 10.13 19.60
CA GLN D 37 11.46 10.79 19.07
C GLN D 37 11.80 12.20 18.58
N GLN D 38 11.25 12.58 17.42
CA GLN D 38 11.45 13.89 16.81
C GLN D 38 10.11 14.53 16.52
N LYS D 39 9.67 15.44 17.38
CA LYS D 39 8.53 16.27 17.03
C LYS D 39 8.89 17.10 15.81
N PRO D 40 7.93 17.37 14.91
CA PRO D 40 8.26 18.18 13.73
C PRO D 40 8.75 19.56 14.13
N GLY D 41 9.68 20.08 13.35
CA GLY D 41 10.30 21.36 13.69
C GLY D 41 11.00 21.35 15.03
N ASN D 42 11.75 20.28 15.32
CA ASN D 42 12.34 20.09 16.64
C ASN D 42 13.55 19.17 16.49
N ILE D 43 14.39 19.16 17.52
CA ILE D 43 15.54 18.27 17.60
C ILE D 43 15.09 16.95 18.22
N PRO D 44 15.77 15.85 17.95
CA PRO D 44 15.39 14.57 18.57
C PRO D 44 15.69 14.54 20.07
N LYS D 45 14.85 13.82 20.80
CA LYS D 45 15.04 13.54 22.22
C LYS D 45 15.11 12.03 22.43
N LEU D 46 15.81 11.61 23.48
CA LEU D 46 15.91 10.20 23.82
C LEU D 46 14.61 9.71 24.44
N LEU D 47 14.19 8.52 24.02
CA LEU D 47 12.95 7.92 24.47
C LEU D 47 13.18 6.64 25.26
N ILE D 48 13.94 5.70 24.70
CA ILE D 48 14.20 4.42 25.34
C ILE D 48 15.63 4.00 25.07
N TYR D 49 16.30 3.47 26.09
CA TYR D 49 17.66 2.97 25.97
C TYR D 49 17.69 1.53 26.44
N LYS D 50 18.50 0.70 25.77
CA LYS D 50 18.65 -0.71 26.11
C LYS D 50 17.30 -1.43 26.01
N ALA D 51 16.64 -1.26 24.87
CA ALA D 51 15.43 -2.00 24.51
C ALA D 51 14.27 -1.76 25.47
N SER D 52 14.48 -2.01 26.77
CA SER D 52 13.40 -2.05 27.75
C SER D 52 13.27 -0.76 28.57
N ASN D 53 14.37 -0.21 29.03
CA ASN D 53 14.33 0.87 30.01
C ASN D 53 13.86 2.18 29.38
N LEU D 54 13.20 3.01 30.19
CA LEU D 54 12.69 4.30 29.78
C LEU D 54 13.62 5.39 30.30
N TYR D 55 13.95 6.36 29.44
CA TYR D 55 14.79 7.47 29.87
C TYR D 55 14.00 8.38 30.81
N THR D 56 14.72 9.08 31.68
CA THR D 56 14.08 9.91 32.69
C THR D 56 13.29 11.03 32.05
N GLY D 57 12.04 11.21 32.48
CA GLY D 57 11.15 12.20 31.92
C GLY D 57 10.19 11.68 30.88
N VAL D 58 10.24 10.40 30.55
CA VAL D 58 9.36 9.81 29.54
C VAL D 58 8.05 9.40 30.19
N PRO D 59 6.90 9.74 29.59
CA PRO D 59 5.61 9.31 30.14
C PRO D 59 5.48 7.79 30.12
N SER D 60 4.83 7.26 31.16
CA SER D 60 4.85 5.83 31.42
C SER D 60 4.18 5.00 30.32
N ARG D 61 3.40 5.62 29.44
CA ARG D 61 2.69 4.87 28.40
C ARG D 61 3.64 4.34 27.33
N PHE D 62 4.82 4.93 27.18
CA PHE D 62 5.81 4.40 26.26
C PHE D 62 6.46 3.17 26.88
N SER D 63 6.57 2.10 26.10
CA SER D 63 7.25 0.89 26.54
C SER D 63 8.01 0.31 25.36
N GLY D 64 9.05 -0.46 25.67
CA GLY D 64 9.81 -1.11 24.62
C GLY D 64 10.34 -2.47 25.03
N SER D 65 10.36 -3.41 24.10
CA SER D 65 11.00 -4.71 24.38
C SER D 65 11.21 -5.43 23.05
N GLY D 66 11.87 -6.57 23.12
CA GLY D 66 12.21 -7.32 21.92
C GLY D 66 13.47 -8.12 22.15
N SER D 67 13.88 -8.82 21.10
CA SER D 67 15.02 -9.73 21.20
C SER D 67 15.89 -9.61 19.96
N GLY D 68 17.19 -9.42 20.17
CA GLY D 68 18.22 -9.42 19.15
C GLY D 68 17.86 -8.84 17.78
N THR D 69 17.06 -9.59 17.02
CA THR D 69 16.76 -9.19 15.65
C THR D 69 15.66 -8.14 15.59
N ARG D 70 14.57 -8.34 16.35
CA ARG D 70 13.38 -7.51 16.22
C ARG D 70 13.01 -6.92 17.58
N PHE D 71 12.65 -5.63 17.56
CA PHE D 71 12.30 -4.87 18.75
C PHE D 71 11.02 -4.10 18.45
N THR D 72 10.29 -3.76 19.52
CA THR D 72 9.05 -3.02 19.40
C THR D 72 9.00 -1.90 20.43
N LEU D 73 8.50 -0.76 19.97
CA LEU D 73 8.14 0.39 20.80
C LEU D 73 6.64 0.58 20.77
N THR D 74 6.02 0.62 21.94
CA THR D 74 4.57 0.64 22.06
C THR D 74 4.15 1.92 22.79
N ILE D 75 3.10 2.55 22.26
CA ILE D 75 2.49 3.72 22.88
C ILE D 75 1.06 3.32 23.23
N SER D 76 0.72 3.38 24.51
CA SER D 76 -0.63 3.12 24.95
C SER D 76 -1.33 4.43 25.29
N SER D 77 -2.65 4.44 25.14
CA SER D 77 -3.47 5.64 25.35
C SER D 77 -2.84 6.84 24.64
N LEU D 78 -2.75 6.72 23.31
CA LEU D 78 -2.03 7.70 22.49
C LEU D 78 -2.57 9.10 22.76
N GLN D 79 -1.67 10.08 22.78
CA GLN D 79 -1.98 11.45 23.07
C GLN D 79 -1.62 12.33 21.89
N PRO D 80 -2.24 13.51 21.76
CA PRO D 80 -1.93 14.34 20.59
C PRO D 80 -0.50 14.83 20.60
N GLU D 81 0.03 15.24 21.75
CA GLU D 81 1.40 15.74 21.79
C GLU D 81 2.42 14.70 21.32
N ASP D 82 2.03 13.42 21.30
CA ASP D 82 2.89 12.35 20.81
C ASP D 82 2.95 12.27 19.30
N ILE D 83 2.32 13.21 18.57
CA ILE D 83 2.50 13.28 17.13
C ILE D 83 3.94 13.68 16.83
N ALA D 84 4.65 12.83 16.12
CA ALA D 84 6.07 13.04 15.84
C ALA D 84 6.52 11.98 14.84
N THR D 85 7.82 11.96 14.58
CA THR D 85 8.46 10.89 13.82
C THR D 85 9.41 10.13 14.74
N TYR D 86 9.41 8.80 14.64
CA TYR D 86 10.11 7.96 15.60
C TYR D 86 11.23 7.18 14.92
N TYR D 87 12.38 7.09 15.60
CA TYR D 87 13.55 6.42 15.06
C TYR D 87 14.10 5.41 16.08
N CYS D 88 14.84 4.44 15.57
CA CYS D 88 15.55 3.46 16.38
C CYS D 88 16.99 3.36 15.88
N GLN D 89 17.91 3.13 16.81
CA GLN D 89 19.29 2.84 16.45
C GLN D 89 19.79 1.64 17.25
N GLN D 90 20.86 1.04 16.74
CA GLN D 90 21.62 0.00 17.43
C GLN D 90 22.99 0.55 17.82
N GLY D 91 23.59 -0.07 18.83
CA GLY D 91 24.88 0.38 19.30
C GLY D 91 25.87 -0.75 19.55
N GLN D 92 25.44 -1.99 19.29
CA GLN D 92 26.28 -3.15 19.58
C GLN D 92 27.59 -3.10 18.80
N SER D 93 27.50 -2.98 17.47
CA SER D 93 28.68 -3.00 16.60
C SER D 93 28.68 -1.75 15.73
N SER D 94 29.80 -1.02 15.79
CA SER D 94 29.98 0.14 14.93
C SER D 94 30.19 -0.29 13.48
N PRO D 95 29.81 0.56 12.50
CA PRO D 95 29.22 1.89 12.69
C PRO D 95 27.77 1.81 13.15
N TYR D 96 27.38 2.70 14.05
CA TYR D 96 26.00 2.71 14.51
C TYR D 96 25.10 3.11 13.35
N THR D 97 23.94 2.47 13.25
CA THR D 97 23.00 2.78 12.18
C THR D 97 21.64 3.11 12.76
N PHE D 98 20.86 3.85 11.98
CA PHE D 98 19.53 4.27 12.38
C PHE D 98 18.47 3.54 11.56
N GLY D 99 17.21 3.76 11.96
CA GLY D 99 16.09 3.21 11.24
C GLY D 99 15.53 4.20 10.22
N GLY D 100 14.62 3.70 9.39
CA GLY D 100 14.07 4.50 8.31
C GLY D 100 13.22 5.67 8.76
N GLY D 101 12.79 5.67 10.02
CA GLY D 101 11.90 6.73 10.49
C GLY D 101 10.45 6.44 10.17
N THR D 102 9.59 6.48 11.19
CA THR D 102 8.18 6.17 11.03
C THR D 102 7.36 7.39 11.43
N LYS D 103 6.48 7.83 10.54
CA LYS D 103 5.69 9.03 10.76
C LYS D 103 4.41 8.69 11.50
N LEU D 104 4.08 9.53 12.48
CA LEU D 104 2.88 9.33 13.28
C LEU D 104 1.91 10.49 13.07
N GLU D 105 0.71 10.16 12.62
CA GLU D 105 -0.37 11.12 12.43
C GLU D 105 -1.54 10.72 13.32
N ILE D 106 -2.19 11.71 13.88
CA ILE D 106 -3.36 11.49 14.70
C ILE D 106 -4.59 11.34 13.81
N LYS D 107 -5.52 10.49 14.24
CA LYS D 107 -6.85 10.43 13.64
C LYS D 107 -7.82 11.10 14.60
N ARG D 108 -8.34 12.25 14.19
CA ARG D 108 -9.25 13.02 15.03
C ARG D 108 -10.52 13.34 14.25
N ALA D 109 -11.33 14.28 14.73
CA ALA D 109 -12.60 14.58 14.09
C ALA D 109 -12.39 15.56 12.94
N ASP D 110 -13.30 15.50 11.97
CA ASP D 110 -13.24 16.37 10.79
C ASP D 110 -13.57 17.79 11.18
N ALA D 111 -12.57 18.67 11.15
CA ALA D 111 -12.77 20.10 11.33
C ALA D 111 -12.74 20.81 9.98
N ALA D 112 -12.80 22.14 10.01
CA ALA D 112 -12.88 22.96 8.82
C ALA D 112 -11.98 24.18 8.99
N PRO D 113 -11.42 24.72 7.91
CA PRO D 113 -10.46 25.81 8.04
C PRO D 113 -11.08 27.08 8.61
N THR D 114 -10.25 27.82 9.33
CA THR D 114 -10.56 29.17 9.79
C THR D 114 -9.74 30.10 8.90
N VAL D 115 -10.32 30.50 7.79
CA VAL D 115 -9.59 31.20 6.74
C VAL D 115 -9.49 32.68 7.08
N SER D 116 -8.36 33.28 6.74
CA SER D 116 -8.15 34.72 6.88
C SER D 116 -7.27 35.19 5.73
N ILE D 117 -7.55 36.38 5.23
CA ILE D 117 -6.85 36.90 4.06
C ILE D 117 -6.33 38.29 4.38
N PHE D 118 -5.15 38.61 3.84
CA PHE D 118 -4.38 39.75 4.29
C PHE D 118 -3.83 40.55 3.12
N PRO D 119 -4.02 41.87 3.14
CA PRO D 119 -3.56 42.73 2.05
C PRO D 119 -2.10 43.10 2.21
N PRO D 120 -1.44 43.49 1.12
CA PRO D 120 -0.04 43.92 1.24
C PRO D 120 0.07 45.19 2.06
N SER D 121 1.15 45.30 2.83
CA SER D 121 1.36 46.49 3.64
C SER D 121 1.89 47.63 2.77
N SER D 122 1.83 48.84 3.32
CA SER D 122 2.40 49.99 2.63
C SER D 122 3.92 49.87 2.50
N GLU D 123 4.56 49.20 3.47
CA GLU D 123 6.01 49.02 3.41
C GLU D 123 6.39 48.18 2.21
N GLN D 124 5.63 47.12 1.93
CA GLN D 124 5.91 46.30 0.75
C GLN D 124 5.56 47.06 -0.53
N LEU D 125 4.46 47.80 -0.52
CA LEU D 125 4.09 48.59 -1.70
C LEU D 125 5.16 49.61 -2.05
N THR D 126 5.87 50.14 -1.04
CA THR D 126 6.96 51.07 -1.33
C THR D 126 8.11 50.36 -2.04
N SER D 127 8.37 49.09 -1.68
CA SER D 127 9.44 48.32 -2.27
C SER D 127 9.11 47.81 -3.68
N GLY D 128 7.93 48.12 -4.21
CA GLY D 128 7.59 47.81 -5.59
C GLY D 128 6.77 46.56 -5.79
N GLY D 129 6.57 45.75 -4.75
CA GLY D 129 5.83 44.51 -4.86
C GLY D 129 4.54 44.53 -4.06
N ALA D 130 3.78 43.46 -4.23
CA ALA D 130 2.54 43.28 -3.48
C ALA D 130 2.27 41.80 -3.31
N SER D 131 2.12 41.36 -2.06
CA SER D 131 1.80 39.96 -1.78
C SER D 131 0.51 39.90 -0.98
N VAL D 132 -0.43 39.09 -1.46
CA VAL D 132 -1.67 38.82 -0.74
C VAL D 132 -1.50 37.49 -0.04
N VAL D 133 -1.70 37.48 1.28
CA VAL D 133 -1.41 36.31 2.10
C VAL D 133 -2.74 35.70 2.55
N CYS D 134 -2.80 34.37 2.64
CA CYS D 134 -4.04 33.70 2.98
C CYS D 134 -3.72 32.52 3.88
N PHE D 135 -4.31 32.52 5.07
CA PHE D 135 -4.06 31.52 6.10
C PHE D 135 -5.28 30.63 6.28
N LEU D 136 -5.03 29.33 6.44
CA LEU D 136 -6.06 28.31 6.64
C LEU D 136 -5.65 27.48 7.84
N ASN D 137 -6.16 27.82 9.02
CA ASN D 137 -5.67 27.23 10.26
C ASN D 137 -6.67 26.24 10.84
N ASN D 138 -6.13 25.22 11.49
CA ASN D 138 -6.87 24.35 12.39
C ASN D 138 -7.97 23.56 11.67
N PHE D 139 -7.61 22.95 10.56
CA PHE D 139 -8.52 22.12 9.79
C PHE D 139 -7.98 20.71 9.70
N TYR D 140 -8.88 19.73 9.67
CA TYR D 140 -8.51 18.33 9.55
C TYR D 140 -9.55 17.65 8.68
N PRO D 141 -9.14 16.73 7.78
CA PRO D 141 -7.76 16.25 7.58
C PRO D 141 -6.87 17.17 6.74
N LYS D 142 -5.65 16.70 6.47
CA LYS D 142 -4.63 17.54 5.84
C LYS D 142 -4.97 17.87 4.40
N ASP D 143 -5.68 16.99 3.70
CA ASP D 143 -5.97 17.21 2.28
C ASP D 143 -6.89 18.40 2.10
N ILE D 144 -6.47 19.34 1.26
CA ILE D 144 -7.23 20.58 1.02
C ILE D 144 -6.66 21.21 -0.24
N ASN D 145 -7.49 22.02 -0.91
CA ASN D 145 -7.05 22.68 -2.13
C ASN D 145 -7.42 24.16 -2.07
N VAL D 146 -6.44 25.01 -2.41
CA VAL D 146 -6.57 26.46 -2.34
C VAL D 146 -6.28 27.06 -3.72
N LYS D 147 -7.08 28.06 -4.10
CA LYS D 147 -6.92 28.73 -5.39
C LYS D 147 -7.11 30.23 -5.23
N TRP D 148 -6.53 30.97 -6.18
CA TRP D 148 -6.54 32.43 -6.18
C TRP D 148 -7.27 32.96 -7.41
N LYS D 149 -8.08 34.00 -7.21
CA LYS D 149 -8.75 34.70 -8.30
C LYS D 149 -8.43 36.19 -8.21
N ILE D 150 -7.91 36.75 -9.30
CA ILE D 150 -7.76 38.20 -9.43
C ILE D 150 -8.92 38.72 -10.27
N ASP D 151 -9.72 39.61 -9.68
CA ASP D 151 -10.88 40.21 -10.33
C ASP D 151 -11.70 39.18 -11.09
N GLY D 152 -12.07 38.11 -10.38
CA GLY D 152 -12.95 37.10 -10.93
C GLY D 152 -12.32 36.15 -11.90
N SER D 153 -11.04 36.32 -12.24
CA SER D 153 -10.34 35.44 -13.17
C SER D 153 -9.34 34.58 -12.39
N GLU D 154 -9.35 33.28 -12.66
CA GLU D 154 -8.52 32.34 -11.91
C GLU D 154 -7.06 32.51 -12.27
N ARG D 155 -6.23 32.83 -11.28
CA ARG D 155 -4.79 32.91 -11.45
C ARG D 155 -4.08 31.70 -10.88
N GLN D 156 -3.23 31.08 -11.69
CA GLN D 156 -2.45 29.91 -11.27
C GLN D 156 -0.95 30.19 -11.24
N ASN D 157 -0.53 31.44 -11.39
CA ASN D 157 0.88 31.78 -11.47
C ASN D 157 1.26 32.73 -10.33
N GLY D 158 2.45 32.50 -9.77
CA GLY D 158 2.96 33.32 -8.68
C GLY D 158 2.54 32.91 -7.29
N VAL D 159 1.83 31.81 -7.13
CA VAL D 159 1.41 31.33 -5.82
C VAL D 159 2.52 30.53 -5.17
N LEU D 160 2.62 30.66 -3.85
CA LEU D 160 3.59 29.95 -3.04
C LEU D 160 2.85 29.31 -1.87
N ASN D 161 3.06 28.02 -1.66
CA ASN D 161 2.26 27.23 -0.73
C ASN D 161 3.13 26.66 0.38
N SER D 162 2.59 26.64 1.59
CA SER D 162 3.29 26.05 2.73
C SER D 162 2.31 25.25 3.57
N TRP D 163 2.68 24.02 3.89
CA TRP D 163 1.87 23.10 4.68
C TRP D 163 2.64 22.73 5.94
N THR D 164 1.98 22.81 7.08
CA THR D 164 2.55 22.29 8.32
C THR D 164 1.99 20.90 8.60
N ASP D 165 2.70 20.15 9.42
CA ASP D 165 2.22 18.85 9.86
C ASP D 165 1.31 19.02 11.06
N GLN D 166 0.65 17.93 11.45
CA GLN D 166 -0.32 17.97 12.53
C GLN D 166 0.30 18.59 13.77
N ASP D 167 -0.29 19.69 14.24
CA ASP D 167 0.23 20.35 15.43
C ASP D 167 0.14 19.40 16.62
N SER D 168 1.12 19.51 17.51
CA SER D 168 1.24 18.55 18.61
C SER D 168 -0.04 18.52 19.45
N LYS D 169 -0.48 19.68 19.91
CA LYS D 169 -1.75 19.79 20.63
C LYS D 169 -2.75 20.50 19.72
N ASP D 170 -3.95 19.92 19.63
CA ASP D 170 -5.12 20.28 18.82
C ASP D 170 -5.25 19.28 17.67
N SER D 171 -4.11 18.79 17.17
CA SER D 171 -4.05 17.70 16.22
C SER D 171 -4.48 18.09 14.81
N THR D 172 -4.49 19.38 14.50
CA THR D 172 -5.04 19.88 13.24
C THR D 172 -3.94 20.41 12.34
N TYR D 173 -4.11 20.19 11.04
CA TYR D 173 -3.17 20.68 10.04
C TYR D 173 -3.54 22.13 9.66
N SER D 174 -2.57 22.84 9.08
CA SER D 174 -2.78 24.22 8.70
C SER D 174 -1.90 24.58 7.50
N MET D 175 -2.35 25.58 6.73
CA MET D 175 -1.78 25.87 5.42
C MET D 175 -1.73 27.38 5.19
N SER D 176 -0.81 27.80 4.31
CA SER D 176 -0.66 29.21 3.94
C SER D 176 -0.35 29.33 2.46
N SER D 177 -0.96 30.33 1.82
CA SER D 177 -0.71 30.64 0.41
C SER D 177 -0.41 32.12 0.24
N THR D 178 0.73 32.42 -0.37
CA THR D 178 1.10 33.78 -0.75
C THR D 178 0.95 33.94 -2.25
N LEU D 179 0.48 35.12 -2.67
CA LEU D 179 0.42 35.48 -4.08
C LEU D 179 1.21 36.76 -4.28
N THR D 180 2.23 36.72 -5.11
CA THR D 180 3.20 37.80 -5.25
C THR D 180 3.10 38.43 -6.63
N LEU D 181 3.02 39.76 -6.67
CA LEU D 181 2.93 40.54 -7.90
C LEU D 181 3.84 41.75 -7.81
N THR D 182 4.00 42.43 -8.94
CA THR D 182 4.51 43.78 -8.94
C THR D 182 3.39 44.76 -8.61
N LYS D 183 3.75 45.88 -7.99
CA LYS D 183 2.74 46.91 -7.71
C LYS D 183 2.13 47.42 -9.00
N ASP D 184 2.90 47.40 -10.09
CA ASP D 184 2.36 47.65 -11.43
C ASP D 184 1.14 46.79 -11.68
N GLU D 185 1.28 45.49 -11.46
CA GLU D 185 0.24 44.50 -11.71
C GLU D 185 -0.78 44.42 -10.58
N TYR D 186 -0.53 45.10 -9.46
CA TYR D 186 -1.46 45.08 -8.32
C TYR D 186 -2.57 46.11 -8.48
N GLU D 187 -2.21 47.40 -8.50
CA GLU D 187 -3.22 48.46 -8.55
C GLU D 187 -3.83 48.66 -9.93
N ARG D 188 -3.46 47.84 -10.91
CA ARG D 188 -4.26 47.76 -12.13
C ARG D 188 -5.52 46.93 -11.94
N HIS D 189 -5.61 46.22 -10.81
CA HIS D 189 -6.73 45.33 -10.50
C HIS D 189 -7.28 45.69 -9.13
N ASN D 190 -8.37 45.04 -8.73
CA ASN D 190 -9.07 45.45 -7.52
C ASN D 190 -9.37 44.32 -6.55
N SER D 191 -10.30 43.43 -6.90
CA SER D 191 -10.77 42.40 -5.98
C SER D 191 -9.90 41.14 -6.08
N TYR D 192 -9.25 40.80 -4.97
CA TYR D 192 -8.45 39.58 -4.84
C TYR D 192 -9.16 38.58 -3.94
N THR D 193 -9.18 37.32 -4.39
CA THR D 193 -10.02 36.27 -3.83
C THR D 193 -9.21 35.01 -3.54
N CYS D 194 -9.46 34.41 -2.38
CA CYS D 194 -8.79 33.19 -1.91
C CYS D 194 -9.86 32.17 -1.56
N GLU D 195 -9.78 30.98 -2.18
CA GLU D 195 -10.83 29.98 -2.09
C GLU D 195 -10.25 28.63 -1.69
N ALA D 196 -11.05 27.85 -0.95
CA ALA D 196 -10.59 26.60 -0.35
C ALA D 196 -11.67 25.54 -0.38
N THR D 197 -11.29 24.32 -0.77
CA THR D 197 -12.15 23.15 -0.75
C THR D 197 -11.49 22.05 0.07
N HIS D 198 -12.26 21.44 0.97
CA HIS D 198 -11.71 20.40 1.84
C HIS D 198 -12.81 19.44 2.28
N LYS D 199 -13.57 18.90 1.33
CA LYS D 199 -14.49 17.80 1.56
C LYS D 199 -15.58 18.10 2.59
N THR D 200 -15.20 18.72 3.71
CA THR D 200 -16.09 18.81 4.87
C THR D 200 -17.38 19.53 4.51
N SER D 201 -17.29 20.74 3.95
CA SER D 201 -18.45 21.47 3.49
C SER D 201 -18.46 21.50 1.96
N THR D 202 -19.57 21.08 1.37
CA THR D 202 -19.68 21.12 -0.09
C THR D 202 -19.60 22.54 -0.61
N SER D 203 -20.08 23.50 0.19
CA SER D 203 -19.94 24.93 -0.10
C SER D 203 -18.51 25.35 0.21
N PRO D 204 -17.74 25.76 -0.80
CA PRO D 204 -16.34 26.11 -0.57
C PRO D 204 -16.21 27.34 0.32
N ILE D 205 -15.03 27.51 0.90
CA ILE D 205 -14.77 28.58 1.85
C ILE D 205 -13.94 29.63 1.15
N VAL D 206 -14.48 30.85 1.02
CA VAL D 206 -13.87 31.89 0.21
C VAL D 206 -13.83 33.20 0.98
N LYS D 207 -12.71 33.90 0.88
CA LYS D 207 -12.55 35.25 1.43
C LYS D 207 -11.93 36.13 0.35
N SER D 208 -12.07 37.45 0.50
CA SER D 208 -11.57 38.36 -0.54
C SER D 208 -11.44 39.76 0.05
N PHE D 209 -10.85 40.65 -0.76
CA PHE D 209 -11.08 42.07 -0.55
C PHE D 209 -10.81 42.81 -1.86
N ASN D 210 -11.56 43.88 -2.08
CA ASN D 210 -11.27 44.78 -3.19
C ASN D 210 -10.27 45.84 -2.71
N ARG D 211 -9.39 46.24 -3.62
CA ARG D 211 -8.42 47.28 -3.27
C ARG D 211 -9.10 48.57 -2.83
N ASN D 212 -10.37 48.73 -3.17
CA ASN D 212 -11.19 49.84 -2.69
C ASN D 212 -12.04 49.47 -1.48
N GLU D 213 -11.66 48.41 -0.75
CA GLU D 213 -12.39 48.04 0.46
C GLU D 213 -12.49 49.20 1.43
N CYS D 214 -11.43 50.02 1.52
CA CYS D 214 -11.48 51.20 2.38
C CYS D 214 -12.56 52.19 1.93
N LEU D 215 -12.81 52.27 0.62
CA LEU D 215 -13.79 53.22 0.12
C LEU D 215 -15.18 52.93 0.66
N GLU D 216 -15.49 51.65 0.90
CA GLU D 216 -16.80 51.26 1.41
C GLU D 216 -17.01 51.72 2.84
N VAL D 217 -16.09 51.36 3.74
CA VAL D 217 -16.31 51.55 5.17
C VAL D 217 -16.28 53.03 5.53
N LEU D 218 -15.24 53.74 5.14
CA LEU D 218 -15.19 55.14 5.48
C LEU D 218 -16.29 55.91 4.76
N PHE D 219 -16.66 55.48 3.55
CA PHE D 219 -17.38 56.33 2.61
C PHE D 219 -16.82 57.73 2.70
N GLN D 220 -15.51 57.81 2.50
CA GLN D 220 -14.79 59.04 2.66
C GLN D 220 -15.14 60.01 1.56
N GLN E 1 22.50 20.92 33.57
CA GLN E 1 23.93 21.17 33.78
C GLN E 1 24.76 20.60 32.64
N VAL E 2 24.25 19.54 32.00
CA VAL E 2 24.93 18.90 30.88
C VAL E 2 24.45 19.58 29.60
N HIS E 3 25.34 20.34 28.96
CA HIS E 3 24.93 21.16 27.82
C HIS E 3 25.95 21.04 26.69
N LEU E 4 25.44 21.19 25.46
CA LEU E 4 26.23 21.12 24.25
C LEU E 4 25.83 22.29 23.35
N GLN E 5 26.78 23.21 23.09
CA GLN E 5 26.53 24.32 22.19
C GLN E 5 27.34 24.13 20.92
N GLN E 6 26.68 24.25 19.77
CA GLN E 6 27.32 24.05 18.49
C GLN E 6 27.67 25.38 17.84
N SER E 7 28.20 25.31 16.61
CA SER E 7 28.54 26.51 15.87
C SER E 7 27.28 27.18 15.32
N GLY E 8 27.43 28.44 14.93
CA GLY E 8 26.39 29.14 14.22
C GLY E 8 26.20 28.56 12.83
N PRO E 9 25.02 28.77 12.24
CA PRO E 9 24.76 28.21 10.90
C PRO E 9 25.75 28.75 9.89
N GLU E 10 26.13 27.90 8.93
CA GLU E 10 27.18 28.21 7.98
C GLU E 10 26.66 28.08 6.55
N LEU E 11 27.20 28.92 5.67
CA LEU E 11 26.93 28.86 4.24
C LEU E 11 28.26 28.81 3.50
N VAL E 12 28.40 27.84 2.59
CA VAL E 12 29.65 27.64 1.86
C VAL E 12 29.36 27.26 0.41
N LYS E 13 30.17 27.80 -0.50
CA LYS E 13 30.11 27.41 -1.90
C LYS E 13 30.51 25.94 -2.04
N PRO E 14 30.07 25.27 -3.10
CA PRO E 14 30.42 23.86 -3.29
C PRO E 14 31.93 23.66 -3.38
N GLY E 15 32.39 22.55 -2.80
CA GLY E 15 33.78 22.16 -2.83
C GLY E 15 34.65 22.74 -1.72
N ALA E 16 34.10 23.57 -0.85
CA ALA E 16 34.88 24.20 0.21
C ALA E 16 34.89 23.27 1.43
N SER E 17 35.22 23.81 2.60
CA SER E 17 35.26 23.02 3.82
C SER E 17 34.78 23.86 5.00
N VAL E 18 34.26 23.17 6.01
CA VAL E 18 33.72 23.80 7.21
C VAL E 18 34.27 23.07 8.42
N LYS E 19 34.45 23.82 9.50
CA LYS E 19 34.78 23.27 10.81
C LYS E 19 33.63 23.58 11.75
N ILE E 20 32.82 22.58 12.06
CA ILE E 20 31.75 22.70 13.04
C ILE E 20 32.35 22.44 14.41
N SER E 21 32.00 23.29 15.37
CA SER E 21 32.54 23.20 16.72
C SER E 21 31.41 22.89 17.71
N CYS E 22 31.74 22.05 18.69
CA CYS E 22 30.79 21.55 19.68
C CYS E 22 31.44 21.68 21.05
N LYS E 23 31.00 22.67 21.83
CA LYS E 23 31.52 22.88 23.17
C LYS E 23 30.62 22.18 24.18
N ALA E 24 31.25 21.44 25.10
CA ALA E 24 30.56 20.60 26.07
C ALA E 24 30.73 21.17 27.47
N SER E 25 29.72 20.96 28.32
CA SER E 25 29.79 21.48 29.67
C SER E 25 28.93 20.62 30.61
N GLY E 26 29.30 20.63 31.89
CA GLY E 26 28.59 19.93 32.95
C GLY E 26 29.22 18.62 33.37
N TYR E 27 30.15 18.09 32.59
CA TYR E 27 30.77 16.81 32.86
C TYR E 27 32.23 16.85 32.40
N THR E 28 33.01 15.90 32.85
CA THR E 28 34.41 15.82 32.44
C THR E 28 34.48 15.46 30.96
N PHE E 29 35.09 16.36 30.17
CA PHE E 29 35.09 16.22 28.72
C PHE E 29 35.74 14.92 28.28
N SER E 30 36.89 14.58 28.85
CA SER E 30 37.70 13.49 28.34
C SER E 30 37.12 12.11 28.62
N ASP E 31 36.16 11.98 29.53
CA ASP E 31 35.73 10.66 29.98
C ASP E 31 34.71 10.00 29.04
N TYR E 32 33.93 10.79 28.30
CA TYR E 32 32.82 10.27 27.51
C TYR E 32 33.04 10.50 26.03
N TYR E 33 32.51 9.58 25.20
CA TYR E 33 32.60 9.67 23.76
C TYR E 33 31.80 10.84 23.22
N ILE E 34 32.08 11.21 21.97
CA ILE E 34 31.29 12.20 21.25
C ILE E 34 30.94 11.61 19.88
N ASN E 35 29.65 11.58 19.56
CA ASN E 35 29.16 11.13 18.27
C ASN E 35 28.71 12.32 17.43
N TRP E 36 28.81 12.16 16.10
CA TRP E 36 28.33 13.14 15.15
C TRP E 36 27.35 12.46 14.21
N VAL E 37 26.21 13.13 13.98
CA VAL E 37 25.07 12.60 13.21
C VAL E 37 24.52 13.70 12.32
N ARG E 38 24.29 13.38 11.05
CA ARG E 38 23.83 14.33 10.05
C ARG E 38 22.41 14.01 9.60
N GLN E 39 21.55 15.02 9.57
CA GLN E 39 20.19 14.91 9.05
C GLN E 39 20.06 15.83 7.83
N ARG E 40 19.94 15.23 6.65
CA ARG E 40 19.57 15.99 5.47
C ARG E 40 18.16 16.56 5.65
N PRO E 41 17.85 17.68 4.98
CA PRO E 41 16.61 18.42 5.34
C PRO E 41 15.34 17.58 5.27
N GLY E 42 15.23 16.69 4.29
CA GLY E 42 14.00 15.94 4.11
C GLY E 42 14.11 14.46 4.42
N GLN E 43 15.15 14.07 5.16
CA GLN E 43 15.40 12.67 5.47
C GLN E 43 15.53 12.48 6.97
N GLY E 44 15.86 11.25 7.37
CA GLY E 44 16.05 10.89 8.76
C GLY E 44 17.45 11.18 9.24
N LEU E 45 17.80 10.55 10.36
CA LEU E 45 19.12 10.71 10.96
C LEU E 45 20.11 9.73 10.35
N GLU E 46 21.34 10.20 10.17
CA GLU E 46 22.41 9.43 9.55
C GLU E 46 23.68 9.66 10.36
N TRP E 47 24.43 8.59 10.59
CA TRP E 47 25.50 8.58 11.57
C TRP E 47 26.84 8.86 10.91
N ILE E 48 27.47 9.98 11.28
CA ILE E 48 28.81 10.31 10.81
C ILE E 48 29.79 9.38 11.51
N GLY E 49 30.03 9.61 12.79
CA GLY E 49 31.03 8.80 13.46
C GLY E 49 31.33 9.27 14.87
N TRP E 50 32.20 8.51 15.55
CA TRP E 50 32.50 8.79 16.95
C TRP E 50 33.98 9.08 17.16
N ILE E 51 34.24 9.79 18.25
CA ILE E 51 35.60 10.14 18.66
C ILE E 51 35.63 10.18 20.17
N PHE E 52 36.69 9.60 20.76
CA PHE E 52 36.85 9.60 22.20
C PHE E 52 37.97 10.54 22.58
N PRO E 53 37.67 11.61 23.33
CA PRO E 53 38.68 12.66 23.54
C PRO E 53 39.93 12.21 24.28
N GLY E 54 39.79 11.42 25.35
CA GLY E 54 40.93 11.09 26.19
C GLY E 54 42.11 10.50 25.45
N SER E 55 41.84 9.75 24.39
CA SER E 55 42.89 9.21 23.54
C SER E 55 42.97 9.88 22.19
N GLY E 56 41.91 10.54 21.74
CA GLY E 56 41.87 11.08 20.40
C GLY E 56 41.58 10.06 19.34
N ASN E 57 41.28 8.82 19.73
CA ASN E 57 40.97 7.77 18.77
C ASN E 57 39.66 8.12 18.05
N THR E 58 39.51 7.60 16.83
CA THR E 58 38.40 8.01 15.98
C THR E 58 37.90 6.85 15.13
N TYR E 59 36.59 6.80 14.91
CA TYR E 59 35.98 5.86 13.97
C TYR E 59 34.92 6.59 13.16
N TYR E 60 34.88 6.31 11.85
CA TYR E 60 33.99 6.98 10.93
C TYR E 60 33.08 5.99 10.22
N ASN E 61 31.94 6.49 9.76
CA ASN E 61 31.14 5.78 8.77
C ASN E 61 31.85 5.81 7.42
N LYS E 62 31.68 4.72 6.67
CA LYS E 62 32.40 4.57 5.41
C LYS E 62 32.10 5.73 4.46
N GLU E 63 30.86 6.21 4.43
CA GLU E 63 30.50 7.27 3.50
C GLU E 63 31.29 8.55 3.77
N PHE E 64 31.50 8.89 5.03
CA PHE E 64 32.08 10.18 5.41
C PHE E 64 33.56 10.11 5.72
N LYS E 65 34.16 8.92 5.69
CA LYS E 65 35.58 8.80 6.04
C LYS E 65 36.44 9.67 5.13
N VAL E 66 36.10 9.73 3.84
CA VAL E 66 36.86 10.57 2.91
C VAL E 66 36.59 12.04 3.19
N LYS E 67 35.34 12.39 3.49
CA LYS E 67 34.91 13.79 3.52
C LYS E 67 35.01 14.44 4.89
N ALA E 68 35.15 13.67 5.97
CA ALA E 68 35.05 14.22 7.31
C ALA E 68 36.32 13.96 8.12
N THR E 69 36.56 14.84 9.10
CA THR E 69 37.67 14.70 10.03
C THR E 69 37.21 15.15 11.41
N LEU E 70 37.46 14.32 12.41
CA LEU E 70 37.01 14.61 13.77
C LEU E 70 38.21 14.96 14.62
N THR E 71 38.09 16.03 15.41
CA THR E 71 39.20 16.44 16.26
C THR E 71 38.67 16.92 17.60
N VAL E 72 39.58 17.06 18.56
CA VAL E 72 39.25 17.55 19.90
C VAL E 72 40.31 18.55 20.34
N ASP E 73 39.90 19.50 21.18
CA ASP E 73 40.77 20.45 21.85
C ASP E 73 40.38 20.35 23.32
N LYS E 74 41.14 19.51 24.05
CA LYS E 74 40.83 19.23 25.45
C LYS E 74 40.86 20.50 26.30
N SER E 75 41.85 21.36 26.09
CA SER E 75 41.91 22.61 26.84
C SER E 75 40.69 23.47 26.55
N SER E 76 40.29 23.56 25.28
CA SER E 76 39.07 24.23 24.92
C SER E 76 37.83 23.49 25.42
N SER E 77 37.98 22.21 25.76
CA SER E 77 36.86 21.32 26.04
C SER E 77 35.88 21.32 24.87
N THR E 78 36.41 21.14 23.67
CA THR E 78 35.61 21.26 22.46
C THR E 78 35.92 20.13 21.49
N ALA E 79 34.89 19.67 20.79
CA ALA E 79 35.04 18.74 19.69
C ALA E 79 34.76 19.45 18.38
N HIS E 80 35.30 18.92 17.29
CA HIS E 80 35.10 19.53 15.98
C HIS E 80 34.91 18.45 14.93
N MET E 81 34.07 18.78 13.94
CA MET E 81 33.87 18.00 12.74
C MET E 81 34.18 18.88 11.55
N PHE E 82 35.17 18.51 10.75
CA PHE E 82 35.56 19.26 9.58
C PHE E 82 35.09 18.49 8.36
N LEU E 83 34.17 19.08 7.61
CA LEU E 83 33.67 18.49 6.38
C LEU E 83 34.32 19.21 5.20
N SER E 84 34.69 18.45 4.18
CA SER E 84 35.48 19.01 3.09
C SER E 84 35.00 18.45 1.76
N SER E 85 35.33 19.18 0.69
CA SER E 85 34.87 18.88 -0.66
C SER E 85 33.36 18.71 -0.68
N LEU E 86 32.67 19.70 -0.11
CA LEU E 86 31.23 19.60 0.12
C LEU E 86 30.47 19.58 -1.20
N THR E 87 29.40 18.78 -1.22
CA THR E 87 28.54 18.60 -2.38
C THR E 87 27.20 19.24 -2.07
N SER E 88 26.41 19.48 -3.13
CA SER E 88 25.07 20.03 -2.95
C SER E 88 24.21 19.14 -2.05
N GLU E 89 24.55 17.86 -1.93
CA GLU E 89 23.82 16.96 -1.03
C GLU E 89 24.18 17.22 0.44
N ASP E 90 25.44 17.55 0.72
CA ASP E 90 25.92 17.68 2.09
C ASP E 90 25.18 18.76 2.89
N SER E 91 24.46 19.66 2.24
CA SER E 91 23.63 20.63 2.95
C SER E 91 22.68 19.91 3.89
N ALA E 92 22.84 20.13 5.20
CA ALA E 92 22.10 19.37 6.19
C ALA E 92 22.32 20.00 7.56
N VAL E 93 21.65 19.44 8.56
CA VAL E 93 21.86 19.83 9.95
C VAL E 93 22.77 18.79 10.58
N TYR E 94 23.72 19.24 11.38
CA TYR E 94 24.71 18.35 11.98
C TYR E 94 24.65 18.49 13.49
N PHE E 95 24.55 17.34 14.18
CA PHE E 95 24.45 17.29 15.63
C PHE E 95 25.64 16.55 16.21
N CYS E 96 26.09 17.03 17.37
CA CYS E 96 27.05 16.34 18.22
C CYS E 96 26.32 15.87 19.46
N VAL E 97 26.52 14.62 19.85
CA VAL E 97 25.74 14.02 20.93
C VAL E 97 26.65 13.28 21.89
N ARG E 98 26.28 13.31 23.16
CA ARG E 98 26.89 12.52 24.22
C ARG E 98 25.82 11.61 24.81
N ARG E 99 26.16 10.33 24.93
CA ARG E 99 25.18 9.34 25.33
C ARG E 99 24.99 9.37 26.85
N TYR E 100 23.92 8.74 27.30
CA TYR E 100 23.64 8.63 28.73
C TYR E 100 24.66 7.70 29.37
N ASP E 101 24.74 7.72 30.70
CA ASP E 101 25.59 6.75 31.38
C ASP E 101 25.23 5.32 30.98
N TYR E 102 24.06 5.13 30.37
CA TYR E 102 23.66 3.88 29.75
C TYR E 102 23.45 4.17 28.26
N ASP E 103 23.23 3.13 27.45
CA ASP E 103 23.60 3.20 26.03
C ASP E 103 23.00 4.40 25.30
N GLY E 104 21.74 4.76 25.60
CA GLY E 104 21.05 5.75 24.79
C GLY E 104 21.75 7.08 24.61
N PHE E 105 21.42 7.80 23.54
CA PHE E 105 21.95 9.15 23.30
C PHE E 105 21.12 10.14 24.11
N ALA E 106 21.66 10.57 25.24
CA ALA E 106 20.88 11.42 26.14
C ALA E 106 20.94 12.89 25.74
N PHE E 107 22.12 13.38 25.35
CA PHE E 107 22.32 14.81 25.15
C PHE E 107 22.64 15.06 23.68
N TRP E 108 21.71 15.72 22.99
CA TRP E 108 21.87 16.07 21.58
C TRP E 108 22.30 17.52 21.46
N GLY E 109 23.18 17.78 20.50
CA GLY E 109 23.51 19.14 20.16
C GLY E 109 22.32 19.87 19.58
N LEU E 110 22.37 21.20 19.67
CA LEU E 110 21.26 22.01 19.19
C LEU E 110 21.12 21.93 17.68
N GLY E 111 22.22 21.70 16.97
CA GLY E 111 22.22 21.60 15.52
C GLY E 111 22.98 22.73 14.87
N THR E 112 23.82 22.40 13.90
CA THR E 112 24.49 23.38 13.05
C THR E 112 23.99 23.18 11.63
N LEU E 113 23.44 24.24 11.04
CA LEU E 113 22.81 24.16 9.73
C LEU E 113 23.84 24.56 8.67
N VAL E 114 24.23 23.61 7.82
CA VAL E 114 25.25 23.83 6.81
C VAL E 114 24.57 23.85 5.45
N THR E 115 24.64 25.01 4.78
CA THR E 115 24.05 25.23 3.46
C THR E 115 25.18 25.28 2.44
N VAL E 116 25.24 24.29 1.57
CA VAL E 116 26.17 24.30 0.46
C VAL E 116 25.50 24.99 -0.73
N SER E 117 25.91 26.22 -1.01
CA SER E 117 25.24 26.99 -2.03
C SER E 117 26.20 28.03 -2.61
N ALA E 118 26.01 28.30 -3.91
CA ALA E 118 26.71 29.41 -4.54
C ALA E 118 26.12 30.74 -4.10
N ALA E 119 24.80 30.78 -3.91
CA ALA E 119 24.10 32.03 -3.66
C ALA E 119 24.62 32.72 -2.39
N LYS E 120 24.51 34.04 -2.38
CA LYS E 120 25.10 34.87 -1.33
C LYS E 120 24.08 35.16 -0.22
N THR E 121 24.59 35.69 0.88
CA THR E 121 23.78 36.08 2.03
C THR E 121 22.94 37.30 1.71
N THR E 122 21.62 37.13 1.64
CA THR E 122 20.70 38.24 1.45
C THR E 122 19.90 38.45 2.73
N PRO E 123 20.00 39.62 3.36
CA PRO E 123 19.18 39.88 4.54
C PRO E 123 17.70 39.90 4.17
N PRO E 124 16.82 39.65 5.12
CA PRO E 124 15.39 39.52 4.81
C PRO E 124 14.71 40.88 4.67
N SER E 125 13.43 40.81 4.32
CA SER E 125 12.50 41.93 4.43
C SER E 125 11.30 41.47 5.23
N VAL E 126 10.88 42.27 6.21
CA VAL E 126 9.82 41.90 7.13
C VAL E 126 8.61 42.80 6.86
N TYR E 127 7.48 42.17 6.54
CA TYR E 127 6.25 42.89 6.24
C TYR E 127 5.14 42.42 7.17
N PRO E 128 4.37 43.34 7.74
CA PRO E 128 3.27 42.94 8.62
C PRO E 128 2.07 42.43 7.82
N LEU E 129 1.22 41.67 8.50
CA LEU E 129 -0.02 41.15 7.93
C LEU E 129 -1.13 41.43 8.94
N ALA E 130 -1.90 42.48 8.67
CA ALA E 130 -3.05 42.87 9.45
C ALA E 130 -4.27 42.95 8.55
N PRO E 131 -5.46 42.60 9.06
CA PRO E 131 -6.63 42.52 8.18
C PRO E 131 -7.13 43.90 7.78
N GLY E 132 -7.84 43.92 6.66
CA GLY E 132 -8.54 45.12 6.23
C GLY E 132 -9.91 45.23 6.86
N SER E 133 -10.70 46.14 6.30
CA SER E 133 -12.07 46.33 6.75
C SER E 133 -12.93 45.18 6.24
N ALA E 134 -13.29 44.27 7.14
CA ALA E 134 -14.09 43.10 6.81
C ALA E 134 -14.67 42.55 8.11
N ALA E 135 -15.44 41.46 7.99
CA ALA E 135 -16.22 40.95 9.10
C ALA E 135 -15.32 40.62 10.28
N GLN E 136 -15.49 41.35 11.39
CA GLN E 136 -14.54 41.33 12.49
C GLN E 136 -15.07 40.62 13.73
N THR E 137 -16.35 40.26 13.76
CA THR E 137 -16.94 39.62 14.92
C THR E 137 -16.70 38.12 14.95
N ASN E 138 -15.97 37.57 13.98
CA ASN E 138 -15.69 36.14 13.93
C ASN E 138 -14.80 35.72 15.09
N SER E 139 -15.33 35.78 16.31
CA SER E 139 -14.61 35.42 17.53
C SER E 139 -13.27 36.16 17.63
N MET E 140 -12.18 35.42 17.46
CA MET E 140 -10.84 36.01 17.54
C MET E 140 -10.38 36.51 16.19
N VAL E 141 -9.47 37.47 16.21
CA VAL E 141 -8.82 37.94 15.00
C VAL E 141 -7.52 37.18 14.81
N THR E 142 -6.98 37.24 13.60
CA THR E 142 -5.71 36.61 13.27
C THR E 142 -4.82 37.66 12.63
N LEU E 143 -3.53 37.62 12.99
CA LEU E 143 -2.52 38.51 12.44
C LEU E 143 -1.33 37.67 12.01
N GLY E 144 -0.37 38.30 11.34
CA GLY E 144 0.78 37.52 10.91
C GLY E 144 1.93 38.40 10.45
N CYS E 145 3.03 37.75 10.11
CA CYS E 145 4.19 38.41 9.54
C CYS E 145 4.72 37.60 8.37
N LEU E 146 5.28 38.31 7.38
CA LEU E 146 5.91 37.70 6.22
C LEU E 146 7.37 38.12 6.19
N VAL E 147 8.25 37.17 5.87
CA VAL E 147 9.68 37.38 5.83
C VAL E 147 10.15 36.95 4.45
N LYS E 148 10.44 37.91 3.58
CA LYS E 148 10.72 37.63 2.18
C LYS E 148 12.11 38.09 1.80
N GLY E 149 12.82 37.28 1.02
CA GLY E 149 14.12 37.64 0.51
C GLY E 149 15.31 37.28 1.38
N TYR E 150 15.17 36.31 2.27
CA TYR E 150 16.25 35.95 3.16
C TYR E 150 17.00 34.73 2.64
N PHE E 151 18.31 34.71 2.87
CA PHE E 151 19.15 33.58 2.48
C PHE E 151 20.40 33.57 3.33
N PRO E 152 20.82 32.41 3.85
CA PRO E 152 20.07 31.15 3.77
C PRO E 152 19.29 30.86 5.04
N GLU E 153 18.61 29.71 5.07
CA GLU E 153 17.88 29.31 6.27
C GLU E 153 18.83 29.17 7.46
N PRO E 154 18.33 29.34 8.69
CA PRO E 154 16.93 29.53 9.09
C PRO E 154 16.58 30.94 9.58
N VAL E 155 15.30 31.16 9.82
CA VAL E 155 14.80 32.40 10.43
C VAL E 155 14.00 32.03 11.67
N THR E 156 14.39 32.59 12.80
CA THR E 156 13.67 32.38 14.05
C THR E 156 12.55 33.40 14.17
N VAL E 157 11.35 32.92 14.52
CA VAL E 157 10.17 33.76 14.62
C VAL E 157 9.58 33.60 16.01
N THR E 158 9.30 34.72 16.67
CA THR E 158 8.62 34.71 17.96
C THR E 158 7.56 35.81 17.97
N TRP E 159 6.68 35.74 18.96
CA TRP E 159 5.54 36.64 19.05
C TRP E 159 5.56 37.32 20.42
N ASN E 160 5.63 38.65 20.42
CA ASN E 160 5.73 39.44 21.65
C ASN E 160 6.92 38.99 22.51
N SER E 161 8.02 38.64 21.84
CA SER E 161 9.22 38.11 22.48
C SER E 161 8.93 36.85 23.29
N GLY E 162 7.98 36.04 22.84
CA GLY E 162 7.70 34.76 23.45
C GLY E 162 6.43 34.67 24.26
N SER E 163 5.68 35.77 24.43
CA SER E 163 4.48 35.74 25.26
C SER E 163 3.39 34.87 24.62
N LEU E 164 3.21 34.98 23.31
CA LEU E 164 2.16 34.27 22.61
C LEU E 164 2.66 32.90 22.16
N SER E 165 2.17 31.84 22.80
CA SER E 165 2.48 30.47 22.45
C SER E 165 1.30 29.77 21.79
N SER E 166 0.13 29.82 22.42
CA SER E 166 -1.06 29.24 21.83
C SER E 166 -1.44 29.98 20.55
N GLY E 167 -2.10 29.26 19.65
CA GLY E 167 -2.63 29.89 18.44
C GLY E 167 -1.57 30.50 17.55
N VAL E 168 -0.31 30.13 17.72
CA VAL E 168 0.79 30.64 16.92
C VAL E 168 1.17 29.57 15.90
N HIS E 169 1.14 29.94 14.62
CA HIS E 169 1.49 29.04 13.53
C HIS E 169 2.69 29.62 12.80
N THR E 170 3.83 28.93 12.88
CA THR E 170 5.03 29.31 12.14
C THR E 170 5.17 28.37 10.95
N PHE E 171 4.92 28.90 9.76
CA PHE E 171 4.93 28.03 8.60
C PHE E 171 6.35 27.90 8.05
N PRO E 172 6.71 26.73 7.53
CA PRO E 172 8.07 26.54 7.01
C PRO E 172 8.28 27.28 5.71
N ALA E 173 9.42 27.97 5.62
CA ALA E 173 9.74 28.78 4.45
C ALA E 173 9.85 27.92 3.20
N VAL E 174 9.79 28.57 2.05
CA VAL E 174 9.92 27.90 0.76
C VAL E 174 10.86 28.72 -0.12
N LEU E 175 11.62 28.01 -0.96
CA LEU E 175 12.60 28.61 -1.85
C LEU E 175 11.95 28.97 -3.17
N GLN E 176 12.26 30.16 -3.69
CA GLN E 176 11.67 30.63 -4.94
C GLN E 176 12.81 30.81 -5.95
N SER E 177 13.02 32.01 -6.48
CA SER E 177 14.08 32.26 -7.45
C SER E 177 15.42 32.34 -6.72
N ASP E 178 15.85 31.18 -6.22
CA ASP E 178 17.03 31.06 -5.35
C ASP E 178 16.96 32.06 -4.19
N LEU E 179 15.76 32.22 -3.64
CA LEU E 179 15.56 33.02 -2.43
C LEU E 179 14.45 32.38 -1.60
N TYR E 180 14.55 32.56 -0.29
CA TYR E 180 13.64 31.91 0.65
C TYR E 180 12.59 32.91 1.11
N THR E 181 11.40 32.40 1.44
CA THR E 181 10.32 33.24 1.91
C THR E 181 9.46 32.46 2.90
N LEU E 182 9.07 33.13 3.99
CA LEU E 182 8.47 32.48 5.15
C LEU E 182 7.31 33.33 5.65
N SER E 183 6.41 32.71 6.41
CA SER E 183 5.25 33.41 6.94
C SER E 183 4.83 32.75 8.24
N SER E 184 4.24 33.56 9.13
CA SER E 184 3.80 33.06 10.42
C SER E 184 2.53 33.80 10.84
N SER E 185 1.72 33.15 11.65
CA SER E 185 0.42 33.67 12.07
C SER E 185 0.22 33.49 13.57
N VAL E 186 -0.62 34.35 14.14
CA VAL E 186 -1.07 34.25 15.52
C VAL E 186 -2.54 34.63 15.58
N THR E 187 -3.33 33.83 16.30
CA THR E 187 -4.75 34.09 16.46
C THR E 187 -5.01 34.49 17.90
N VAL E 188 -5.50 35.71 18.10
CA VAL E 188 -5.73 36.25 19.45
C VAL E 188 -7.15 36.78 19.55
N PRO E 189 -7.73 36.82 20.75
CA PRO E 189 -9.10 37.30 20.90
C PRO E 189 -9.27 38.72 20.38
N SER E 190 -10.46 38.99 19.82
CA SER E 190 -10.71 40.27 19.16
C SER E 190 -10.67 41.43 20.14
N SER E 191 -11.22 41.25 21.34
CA SER E 191 -11.26 42.34 22.31
C SER E 191 -9.86 42.77 22.71
N THR E 192 -8.90 41.85 22.70
CA THR E 192 -7.53 42.18 23.09
C THR E 192 -6.83 43.04 22.05
N TRP E 193 -7.24 42.93 20.79
CA TRP E 193 -6.61 43.59 19.65
C TRP E 193 -7.37 44.85 19.26
N PRO E 194 -6.69 46.02 19.17
CA PRO E 194 -5.26 46.19 19.45
C PRO E 194 -4.98 46.86 20.80
N SER E 195 -5.78 46.54 21.81
CA SER E 195 -5.51 47.06 23.16
C SER E 195 -4.20 46.50 23.69
N GLN E 196 -4.04 45.18 23.66
CA GLN E 196 -2.78 44.53 23.99
C GLN E 196 -1.99 44.37 22.70
N THR E 197 -0.82 45.01 22.64
CA THR E 197 -0.06 45.09 21.39
C THR E 197 0.37 43.70 20.94
N VAL E 198 0.68 43.61 19.65
CA VAL E 198 1.14 42.37 19.02
C VAL E 198 2.38 42.70 18.20
N THR E 199 3.47 42.00 18.48
CA THR E 199 4.75 42.25 17.82
C THR E 199 5.35 40.92 17.39
N CYS E 200 5.89 40.86 16.17
CA CYS E 200 6.61 39.68 15.72
C CYS E 200 8.10 39.99 15.67
N ASN E 201 8.89 39.02 16.09
CA ASN E 201 10.33 39.17 16.18
C ASN E 201 10.96 38.18 15.21
N VAL E 202 11.78 38.68 14.30
CA VAL E 202 12.42 37.89 13.26
C VAL E 202 13.92 37.94 13.49
N ALA E 203 14.56 36.77 13.51
CA ALA E 203 16.00 36.65 13.68
C ALA E 203 16.58 35.94 12.47
N HIS E 204 17.56 36.57 11.83
CA HIS E 204 18.33 35.98 10.74
C HIS E 204 19.79 35.93 11.19
N PRO E 205 20.33 34.75 11.50
CA PRO E 205 21.70 34.69 12.01
C PRO E 205 22.76 35.07 10.99
N ALA E 206 22.55 34.73 9.71
CA ALA E 206 23.58 34.96 8.71
C ALA E 206 23.81 36.46 8.46
N SER E 207 22.73 37.20 8.24
CA SER E 207 22.83 38.64 8.08
C SER E 207 22.98 39.36 9.42
N SER E 208 22.95 38.63 10.54
CA SER E 208 23.01 39.22 11.88
C SER E 208 21.91 40.26 12.07
N THR E 209 20.69 39.94 11.61
CA THR E 209 19.62 40.92 11.55
C THR E 209 18.42 40.41 12.35
N LYS E 210 18.09 41.09 13.44
CA LYS E 210 16.90 40.79 14.22
C LYS E 210 16.03 42.05 14.21
N VAL E 211 14.83 41.92 13.66
CA VAL E 211 13.92 43.04 13.51
C VAL E 211 12.59 42.71 14.18
N ASP E 212 12.08 43.67 14.94
CA ASP E 212 10.77 43.56 15.58
C ASP E 212 9.78 44.42 14.81
N LYS E 213 8.71 43.80 14.32
CA LYS E 213 7.67 44.50 13.59
C LYS E 213 6.41 44.50 14.45
N LYS E 214 5.93 45.69 14.78
CA LYS E 214 4.68 45.83 15.52
C LYS E 214 3.53 45.89 14.52
N ILE E 215 2.47 45.14 14.81
CA ILE E 215 1.30 45.09 13.95
C ILE E 215 0.27 46.10 14.44
N VAL E 216 -0.16 46.98 13.53
CA VAL E 216 -1.14 48.01 13.83
C VAL E 216 -2.34 47.82 12.91
N PRO E 217 -3.56 48.18 13.33
CA PRO E 217 -4.68 48.11 12.39
C PRO E 217 -4.57 49.19 11.32
N ARG E 218 -4.84 48.80 10.08
CA ARG E 218 -4.70 49.72 8.95
C ARG E 218 -5.74 50.83 9.01
N ASP E 219 -5.26 52.07 8.91
CA ASP E 219 -6.10 53.26 8.88
C ASP E 219 -6.43 53.61 7.44
N CYS E 220 -7.71 53.47 7.06
CA CYS E 220 -8.12 53.77 5.69
C CYS E 220 -7.77 55.18 5.28
N LEU E 221 -7.55 56.09 6.25
CA LEU E 221 -7.07 57.41 5.92
C LEU E 221 -5.63 57.35 5.39
N GLU E 222 -4.83 56.38 5.87
CA GLU E 222 -3.51 56.16 5.30
C GLU E 222 -3.57 55.79 3.82
N VAL E 223 -4.68 55.19 3.38
CA VAL E 223 -4.87 54.91 1.97
C VAL E 223 -4.87 56.20 1.16
N LEU E 224 -5.53 57.25 1.67
CA LEU E 224 -5.44 58.55 1.02
C LEU E 224 -4.01 59.09 1.07
N PHE E 225 -3.32 58.89 2.19
CA PHE E 225 -1.93 59.32 2.30
C PHE E 225 -1.03 58.54 1.36
N GLN E 226 -1.26 57.23 1.25
CA GLN E 226 -0.50 56.37 0.34
C GLN E 226 -0.76 56.78 -1.10
N THR F 1 58.99 15.13 38.03
CA THR F 1 57.64 14.61 37.81
C THR F 1 57.38 13.37 38.67
N PHE F 2 58.42 12.55 38.85
CA PHE F 2 58.36 11.38 39.73
C PHE F 2 57.18 10.46 39.39
N ARG F 3 56.07 10.62 40.11
CA ARG F 3 54.87 9.84 39.85
C ARG F 3 54.45 9.93 38.39
N GLN F 4 54.50 11.14 37.81
CA GLN F 4 53.97 11.33 36.46
C GLN F 4 54.79 10.54 35.43
N GLN F 5 56.11 10.69 35.46
CA GLN F 5 56.95 9.90 34.55
C GLN F 5 56.84 8.42 34.84
N THR F 6 56.55 8.04 36.09
CA THR F 6 56.37 6.63 36.43
C THR F 6 55.15 6.06 35.72
N ILE F 7 54.01 6.75 35.81
CA ILE F 7 52.82 6.33 35.08
C ILE F 7 53.10 6.29 33.57
N ASP F 8 53.84 7.29 33.07
CA ASP F 8 54.19 7.30 31.64
C ASP F 8 54.94 6.03 31.25
N PHE F 9 55.96 5.69 32.04
CA PHE F 9 56.74 4.46 31.81
C PHE F 9 55.84 3.23 31.81
N LEU F 10 55.01 3.09 32.85
CA LEU F 10 54.18 1.89 32.96
C LEU F 10 53.22 1.77 31.79
N ASN F 11 52.52 2.85 31.47
CA ASN F 11 51.57 2.81 30.36
C ASN F 11 52.27 2.48 29.04
N ASP F 12 53.44 3.08 28.80
CA ASP F 12 54.13 2.80 27.54
C ASP F 12 54.52 1.33 27.45
N ASN F 13 55.06 0.77 28.54
CA ASN F 13 55.50 -0.62 28.49
C ASN F 13 54.32 -1.58 28.38
N ILE F 14 53.21 -1.29 29.05
CA ILE F 14 52.10 -2.24 28.98
C ILE F 14 51.36 -2.11 27.66
N ARG F 15 51.34 -0.92 27.05
CA ARG F 15 50.83 -0.80 25.69
C ARG F 15 51.71 -1.57 24.71
N ARG F 16 53.03 -1.48 24.88
CA ARG F 16 53.94 -2.28 24.05
C ARG F 16 53.64 -3.76 24.20
N GLY F 17 53.50 -4.22 25.45
CA GLY F 17 53.19 -5.63 25.66
C GLY F 17 51.87 -6.04 25.05
N ILE F 18 50.86 -5.17 25.15
CA ILE F 18 49.56 -5.47 24.55
C ILE F 18 49.71 -5.61 23.04
N GLU F 19 50.51 -4.74 22.42
CA GLU F 19 50.70 -4.81 20.98
C GLU F 19 51.32 -6.14 20.56
N ASN F 20 52.10 -6.77 21.45
CA ASN F 20 52.65 -8.10 21.24
C ASN F 20 52.04 -9.12 22.22
N TYR F 21 50.77 -8.90 22.58
CA TYR F 21 50.10 -9.74 23.58
C TYR F 21 50.18 -11.21 23.23
N TYR F 22 50.06 -11.54 21.94
CA TYR F 22 50.02 -12.91 21.51
C TYR F 22 51.38 -13.45 21.06
N ASP F 23 52.43 -12.63 21.13
CA ASP F 23 53.79 -13.13 20.88
C ASP F 23 54.56 -13.43 22.16
N ASP F 24 54.02 -13.08 23.32
CA ASP F 24 54.77 -13.16 24.57
C ASP F 24 53.94 -13.95 25.59
N LEU F 25 54.26 -15.23 25.77
CA LEU F 25 53.64 -15.99 26.86
C LEU F 25 53.82 -15.30 28.20
N ASP F 26 55.01 -14.76 28.45
CA ASP F 26 55.27 -14.09 29.72
C ASP F 26 54.30 -12.93 29.93
N PHE F 27 54.32 -11.96 29.02
CA PHE F 27 53.43 -10.81 29.20
C PHE F 27 51.97 -11.22 29.16
N LYS F 28 51.61 -12.17 28.30
CA LYS F 28 50.22 -12.61 28.24
C LYS F 28 49.75 -13.09 29.61
N ASN F 29 50.45 -14.07 30.17
CA ASN F 29 50.03 -14.60 31.46
C ASN F 29 50.15 -13.56 32.57
N ILE F 30 51.12 -12.65 32.47
CA ILE F 30 51.28 -11.63 33.51
C ILE F 30 50.09 -10.68 33.50
N MET F 31 49.71 -10.21 32.31
CA MET F 31 48.60 -9.29 32.19
C MET F 31 47.30 -9.96 32.61
N ASP F 32 47.11 -11.21 32.16
CA ASP F 32 45.92 -11.96 32.57
C ASP F 32 45.83 -12.04 34.08
N PHE F 33 46.95 -12.36 34.74
CA PHE F 33 46.93 -12.48 36.20
C PHE F 33 46.60 -11.15 36.85
N VAL F 34 47.25 -10.07 36.43
CA VAL F 34 47.02 -8.78 37.06
C VAL F 34 45.56 -8.38 36.94
N GLN F 35 45.00 -8.51 35.73
CA GLN F 35 43.62 -8.12 35.51
C GLN F 35 42.65 -8.98 36.32
N LYS F 36 42.83 -10.30 36.30
CA LYS F 36 41.94 -11.18 37.06
C LYS F 36 42.07 -10.94 38.56
N LYS F 37 43.25 -10.55 39.03
CA LYS F 37 43.49 -10.32 40.45
C LYS F 37 42.95 -8.97 40.90
N PHE F 38 43.51 -7.89 40.37
CA PHE F 38 43.19 -6.54 40.82
C PHE F 38 41.88 -6.00 40.24
N LYS F 39 41.12 -6.82 39.51
CA LYS F 39 39.87 -6.39 38.90
C LYS F 39 40.06 -5.09 38.11
N CYS F 40 40.95 -5.17 37.12
CA CYS F 40 41.34 -4.01 36.35
C CYS F 40 41.56 -4.45 34.90
N CYS F 41 41.98 -3.50 34.07
CA CYS F 41 42.12 -3.76 32.64
C CYS F 41 42.85 -2.61 31.96
N GLY F 42 44.09 -2.84 31.53
CA GLY F 42 44.84 -1.83 30.79
C GLY F 42 45.57 -0.84 31.67
N GLY F 43 45.90 0.30 31.06
CA GLY F 43 46.62 1.35 31.74
C GLY F 43 45.72 2.40 32.37
N GLU F 44 45.29 3.40 31.59
CA GLU F 44 44.38 4.41 32.12
C GLU F 44 42.99 3.80 32.33
N ASP F 45 42.55 2.96 31.39
CA ASP F 45 41.33 2.17 31.54
C ASP F 45 41.39 1.07 30.50
N TYR F 46 40.30 0.30 30.40
CA TYR F 46 40.28 -0.85 29.49
C TYR F 46 40.40 -0.43 28.03
N ARG F 47 40.08 0.83 27.72
CA ARG F 47 40.18 1.34 26.36
C ARG F 47 41.53 1.05 25.72
N ASP F 48 42.57 0.90 26.55
CA ASP F 48 43.91 0.66 26.01
C ASP F 48 43.97 -0.54 25.09
N TRP F 49 43.13 -1.56 25.30
CA TRP F 49 43.20 -2.71 24.41
C TRP F 49 42.90 -2.35 22.96
N SER F 50 42.52 -1.10 22.68
CA SER F 50 42.31 -0.64 21.32
C SER F 50 43.59 -0.54 20.52
N LYS F 51 44.75 -0.49 21.17
CA LYS F 51 45.99 -0.41 20.40
C LYS F 51 46.55 -1.78 20.06
N ASN F 52 45.83 -2.85 20.38
CA ASN F 52 46.22 -4.18 19.91
C ASN F 52 45.66 -4.42 18.52
N GLN F 53 46.51 -4.97 17.65
CA GLN F 53 46.15 -5.19 16.25
C GLN F 53 44.84 -5.96 16.10
N TYR F 54 44.55 -6.86 17.03
CA TYR F 54 43.32 -7.65 16.96
C TYR F 54 42.12 -6.93 17.57
N HIS F 55 42.34 -6.10 18.58
CA HIS F 55 41.27 -5.47 19.33
C HIS F 55 41.03 -4.01 18.98
N ASP F 56 41.72 -3.49 17.96
CA ASP F 56 41.46 -2.12 17.54
C ASP F 56 40.03 -1.99 17.06
N CYS F 57 39.41 -0.84 17.35
CA CYS F 57 37.97 -0.71 17.09
C CYS F 57 37.64 -0.61 15.61
N SER F 58 38.62 -0.52 14.72
CA SER F 58 38.39 -0.58 13.29
C SER F 58 38.92 -1.88 12.67
N ALA F 59 39.10 -2.92 13.48
CA ALA F 59 39.60 -4.19 12.99
C ALA F 59 38.50 -4.95 12.23
N PRO F 60 38.88 -5.93 11.42
CA PRO F 60 37.85 -6.68 10.66
C PRO F 60 37.08 -7.69 11.50
N GLY F 61 37.77 -8.44 12.35
CA GLY F 61 37.19 -9.60 13.00
C GLY F 61 36.24 -9.27 14.13
N PRO F 62 35.82 -10.29 14.88
CA PRO F 62 34.93 -10.05 16.02
C PRO F 62 35.65 -9.58 17.27
N LEU F 63 36.95 -9.88 17.41
CA LEU F 63 37.75 -9.29 18.48
C LEU F 63 37.89 -7.78 18.33
N ALA F 64 37.51 -7.23 17.18
CA ALA F 64 37.51 -5.78 16.99
C ALA F 64 36.77 -5.09 18.12
N CYS F 65 37.39 -4.03 18.65
CA CYS F 65 36.77 -3.10 19.60
C CYS F 65 36.30 -3.82 20.85
N GLY F 66 36.82 -5.03 21.08
CA GLY F 66 36.56 -5.78 22.29
C GLY F 66 37.75 -5.83 23.23
N VAL F 67 37.59 -6.64 24.27
CA VAL F 67 38.59 -6.73 25.33
C VAL F 67 38.82 -8.20 25.64
N PRO F 68 40.07 -8.64 25.86
CA PRO F 68 40.30 -10.06 26.14
C PRO F 68 39.48 -10.52 27.33
N TYR F 69 39.09 -11.80 27.29
CA TYR F 69 38.09 -12.30 28.24
C TYR F 69 38.56 -12.23 29.69
N THR F 70 39.85 -12.03 29.93
CA THR F 70 40.33 -11.90 31.30
C THR F 70 39.95 -10.57 31.94
N CYS F 71 39.38 -9.63 31.18
CA CYS F 71 38.84 -8.41 31.75
C CYS F 71 37.37 -8.51 32.11
N CYS F 72 36.71 -9.61 31.73
CA CYS F 72 35.34 -9.82 32.15
C CYS F 72 35.31 -10.02 33.67
N ILE F 73 34.14 -9.82 34.26
CA ILE F 73 34.01 -9.99 35.69
C ILE F 73 34.15 -11.47 36.04
N ARG F 74 35.37 -11.87 36.41
CA ARG F 74 35.66 -13.24 36.78
C ARG F 74 35.06 -13.60 38.12
N ASP F 75 34.62 -12.61 38.90
CA ASP F 75 34.09 -12.86 40.24
C ASP F 75 32.65 -13.34 40.12
N THR F 76 32.50 -14.53 39.55
CA THR F 76 31.25 -15.28 39.54
C THR F 76 31.59 -16.75 39.75
N THR F 77 30.61 -17.52 40.23
CA THR F 77 30.76 -18.97 40.25
C THR F 77 30.56 -19.58 38.87
N GLU F 78 30.30 -18.74 37.88
CA GLU F 78 30.01 -19.09 36.50
C GLU F 78 31.28 -19.46 35.74
N VAL F 79 31.09 -20.11 34.59
CA VAL F 79 32.20 -20.58 33.76
C VAL F 79 32.67 -19.44 32.86
N VAL F 80 33.82 -19.65 32.21
CA VAL F 80 34.40 -18.67 31.32
C VAL F 80 33.84 -18.87 29.92
N ASN F 81 33.18 -17.83 29.40
CA ASN F 81 32.88 -17.70 27.97
C ASN F 81 33.85 -16.67 27.38
N THR F 82 34.59 -17.07 26.35
CA THR F 82 35.64 -16.21 25.82
C THR F 82 35.08 -14.93 25.20
N MET F 83 33.84 -14.97 24.71
CA MET F 83 33.28 -13.85 23.98
C MET F 83 32.62 -12.80 24.88
N CYS F 84 32.83 -12.87 26.20
CA CYS F 84 32.13 -11.97 27.10
C CYS F 84 32.54 -10.52 26.91
N GLY F 85 33.80 -10.28 26.52
CA GLY F 85 34.30 -8.93 26.40
C GLY F 85 34.13 -8.28 25.05
N TYR F 86 33.65 -9.03 24.07
CA TYR F 86 33.62 -8.55 22.69
C TYR F 86 32.81 -7.27 22.56
N LYS F 87 33.26 -6.38 21.69
CA LYS F 87 32.52 -5.19 21.26
C LYS F 87 32.01 -4.37 22.45
N THR F 88 32.95 -3.98 23.32
CA THR F 88 32.62 -3.24 24.53
C THR F 88 33.32 -1.89 24.66
N ILE F 89 34.28 -1.58 23.79
CA ILE F 89 35.07 -0.36 23.97
C ILE F 89 34.34 0.87 23.45
N ASP F 90 33.58 0.75 22.36
CA ASP F 90 32.86 1.90 21.81
C ASP F 90 31.83 2.46 22.77
N LYS F 91 31.44 1.68 23.78
CA LYS F 91 30.41 2.04 24.73
C LYS F 91 31.06 2.63 25.97
N GLU F 92 30.40 3.58 26.62
CA GLU F 92 31.06 4.21 27.75
C GLU F 92 30.91 3.34 28.99
N ARG F 93 31.84 3.54 29.94
CA ARG F 93 32.08 2.60 31.03
C ARG F 93 30.81 2.01 31.62
N PHE F 94 29.93 2.90 32.10
CA PHE F 94 28.84 2.48 32.95
C PHE F 94 27.84 1.61 32.23
N SER F 95 27.80 1.67 30.88
CA SER F 95 27.05 0.69 30.12
C SER F 95 27.54 -0.72 30.39
N VAL F 96 28.86 -0.90 30.46
CA VAL F 96 29.49 -2.21 30.46
C VAL F 96 30.21 -2.52 31.75
N GLN F 97 30.23 -1.60 32.73
CA GLN F 97 30.92 -1.91 33.98
C GLN F 97 30.28 -3.07 34.73
N ASP F 98 29.02 -3.41 34.39
CA ASP F 98 28.41 -4.62 34.90
C ASP F 98 28.97 -5.88 34.24
N VAL F 99 29.65 -5.74 33.11
CA VAL F 99 30.14 -6.90 32.36
C VAL F 99 31.65 -7.07 32.45
N ILE F 100 32.43 -5.98 32.51
CA ILE F 100 33.88 -6.04 32.54
C ILE F 100 34.41 -5.02 33.52
N TYR F 101 35.66 -5.23 33.95
CA TYR F 101 36.36 -4.21 34.71
C TYR F 101 36.74 -3.07 33.78
N VAL F 102 36.52 -1.83 34.22
CA VAL F 102 36.70 -0.65 33.38
C VAL F 102 37.93 0.14 33.79
N ARG F 103 38.24 0.21 35.08
CA ARG F 103 39.43 0.95 35.52
C ARG F 103 40.69 0.28 34.98
N GLY F 104 41.69 1.09 34.68
CA GLY F 104 42.98 0.59 34.30
C GLY F 104 43.72 -0.06 35.45
N CYS F 105 44.77 -0.81 35.09
CA CYS F 105 45.57 -1.50 36.09
C CYS F 105 46.73 -0.67 36.64
N THR F 106 47.22 0.32 35.89
CA THR F 106 48.39 1.09 36.30
C THR F 106 48.26 1.63 37.73
N ASN F 107 47.24 2.46 37.97
CA ASN F 107 47.14 3.14 39.25
C ASN F 107 46.88 2.15 40.39
N ALA F 108 46.00 1.17 40.17
CA ALA F 108 45.69 0.20 41.23
C ALA F 108 46.90 -0.65 41.59
N VAL F 109 47.64 -1.11 40.59
CA VAL F 109 48.86 -1.87 40.85
C VAL F 109 49.84 -1.03 41.66
N ILE F 110 50.03 0.24 41.27
CA ILE F 110 51.02 1.05 41.98
C ILE F 110 50.57 1.32 43.41
N ILE F 111 49.28 1.59 43.63
CA ILE F 111 48.82 1.88 44.99
C ILE F 111 48.92 0.64 45.86
N TRP F 112 48.69 -0.56 45.30
CA TRP F 112 48.93 -1.76 46.11
C TRP F 112 50.41 -1.92 46.40
N PHE F 113 51.25 -1.73 45.38
CA PHE F 113 52.69 -1.88 45.54
C PHE F 113 53.21 -0.95 46.63
N MET F 114 52.65 0.25 46.72
CA MET F 114 52.98 1.21 47.77
C MET F 114 52.44 0.73 49.12
N ASP F 115 51.11 0.65 49.21
CA ASP F 115 50.44 0.48 50.50
C ASP F 115 50.75 -0.86 51.14
N ASN F 116 51.25 -1.82 50.36
CA ASN F 116 51.73 -3.09 50.90
C ASN F 116 53.23 -3.28 50.66
N LEU F 117 53.99 -2.20 50.67
CA LEU F 117 55.44 -2.33 50.60
C LEU F 117 56.05 -2.51 51.98
N GLU F 118 55.25 -2.28 53.02
CA GLU F 118 55.67 -2.54 54.39
C GLU F 118 56.21 -3.96 54.56
N VAL F 119 55.76 -4.88 53.71
CA VAL F 119 56.31 -6.23 53.75
C VAL F 119 57.75 -6.25 53.25
N LEU F 120 58.11 -5.33 52.35
CA LEU F 120 59.50 -5.25 51.91
C LEU F 120 60.41 -4.78 53.03
N PHE F 121 59.87 -4.01 53.98
CA PHE F 121 60.61 -3.56 55.14
C PHE F 121 60.43 -4.52 56.30
N GLN F 122 61.53 -4.82 56.99
CA GLN F 122 61.56 -5.76 58.12
C GLN F 122 61.15 -7.17 57.70
#